data_2D3Q
#
_entry.id   2D3Q
#
_cell.length_a   136.212
_cell.length_b   136.212
_cell.length_c   363.596
_cell.angle_alpha   90.00
_cell.angle_beta   90.00
_cell.angle_gamma   120.00
#
_symmetry.space_group_name_H-M   'P 65 2 2'
#
loop_
_entity.id
_entity.type
_entity.pdbx_description
1 polymer 'Decolorizing Peroxidase'
2 non-polymer 'PROTOPORPHYRIN IX CONTAINING FE'
3 water water
#
_entity_poly.entity_id   1
_entity_poly.type   'polypeptide(L)'
_entity_poly.pdbx_seq_one_letter_code
;ANDTILPLNNIQGDILVGMKKQKERFVFFQVNDATSFKTALKTYVPERITSAAILISDPSQQPLAFVNLGFSNTGLQALG
ITDDLGDAQFPDGQFADAANLGDDLSQWVAPFTGTTIHGVFLIGSDQDDFLDQFTDDISSTFGSSITQVQALSGSARPGD
QAGHEHFGFLDGISQPSVTGWETTVFPGQAVVPPGIILTGRDGDTGTRPSWALDGSFMAFRHFQQKVPEFNAYTLANAIP
ANSAGNLTQQEGAEFLGARMFGRWKSGAPIDLAPTADDPALGADPQRNNNFDYSDTLTDETRCPFGAHVRKTNPRQDLGG
PVDTFHAMRSSIPYGPETSDAELASGVTAQDRGLLFVEYQSIIGNGFRFQQINWANNANFPFSKPITPGIEPIIGQTTPR
TVGGLDPLNQNETFTVPLFVIPKGGEYFFLPSISALTATIAA
;
_entity_poly.pdbx_strand_id   A,B
#
# COMPACT_ATOMS: atom_id res chain seq x y z
N THR A 4 -14.07 24.10 20.50
CA THR A 4 -12.75 24.78 20.35
C THR A 4 -12.00 24.36 19.07
N ILE A 5 -12.73 23.71 18.15
CA ILE A 5 -12.19 23.23 16.88
C ILE A 5 -10.66 23.14 16.73
N LEU A 6 -10.14 21.92 16.93
CA LEU A 6 -8.71 21.65 16.82
C LEU A 6 -8.30 21.56 15.35
N PRO A 7 -7.08 22.06 15.01
CA PRO A 7 -6.54 22.04 13.66
C PRO A 7 -5.95 20.67 13.28
N LEU A 8 -6.82 19.71 12.99
CA LEU A 8 -6.41 18.35 12.65
C LEU A 8 -5.34 18.21 11.56
N ASN A 9 -5.16 19.24 10.75
CA ASN A 9 -4.17 19.21 9.68
C ASN A 9 -2.79 19.55 10.24
N ASN A 10 -2.77 20.17 11.41
CA ASN A 10 -1.51 20.55 12.01
C ASN A 10 -1.04 19.68 13.17
N ILE A 11 -1.87 18.74 13.59
CA ILE A 11 -1.53 17.86 14.71
C ILE A 11 -1.04 16.50 14.19
N GLN A 12 0.16 16.08 14.62
CA GLN A 12 0.68 14.78 14.16
C GLN A 12 -0.31 13.68 14.50
N GLY A 13 -0.88 13.09 13.47
CA GLY A 13 -1.88 12.06 13.64
C GLY A 13 -1.80 11.05 14.75
N ASP A 14 -0.64 10.45 14.98
CA ASP A 14 -0.55 9.42 16.01
C ASP A 14 -0.90 9.87 17.41
N ILE A 15 -0.77 11.18 17.67
CA ILE A 15 -1.07 11.70 19.00
C ILE A 15 -2.54 11.62 19.32
N LEU A 16 -3.35 11.98 18.32
CA LEU A 16 -4.79 12.05 18.49
C LEU A 16 -5.63 10.95 17.89
N VAL A 17 -5.16 10.29 16.85
CA VAL A 17 -5.97 9.26 16.23
C VAL A 17 -5.34 7.87 16.29
N GLY A 18 -4.02 7.81 16.36
CA GLY A 18 -3.35 6.53 16.41
C GLY A 18 -3.25 5.92 15.01
N MET A 19 -2.03 5.57 14.63
CA MET A 19 -1.77 4.99 13.31
C MET A 19 -2.53 3.72 13.02
N LYS A 20 -2.79 2.93 14.05
CA LYS A 20 -3.54 1.67 13.89
C LYS A 20 -3.12 0.85 12.66
N LYS A 21 -1.84 0.86 12.32
CA LYS A 21 -1.34 0.10 11.17
C LYS A 21 -0.71 -1.22 11.66
N GLN A 22 -0.81 -2.28 10.88
CA GLN A 22 -0.28 -3.60 11.24
C GLN A 22 1.19 -3.66 11.68
N LYS A 23 2.04 -2.99 10.92
CA LYS A 23 3.46 -2.98 11.21
C LYS A 23 3.82 -1.57 11.63
N GLU A 24 4.90 -1.44 12.40
CA GLU A 24 5.34 -0.13 12.81
C GLU A 24 6.79 -0.19 13.17
N ARG A 25 7.52 0.86 12.81
CA ARG A 25 8.94 0.92 13.12
C ARG A 25 9.32 2.21 13.78
N PHE A 26 10.16 2.09 14.79
CA PHE A 26 10.65 3.23 15.54
C PHE A 26 12.12 3.41 15.18
N VAL A 27 12.42 4.48 14.46
CA VAL A 27 13.79 4.77 14.06
C VAL A 27 14.38 5.87 14.94
N PHE A 28 15.22 5.45 15.88
CA PHE A 28 15.88 6.35 16.82
C PHE A 28 17.15 6.93 16.18
N PHE A 29 17.38 8.22 16.38
CA PHE A 29 18.55 8.85 15.78
C PHE A 29 19.17 9.98 16.58
N GLN A 30 20.41 10.31 16.25
CA GLN A 30 21.07 11.41 16.89
C GLN A 30 21.37 12.38 15.77
N VAL A 31 21.44 13.67 16.09
CA VAL A 31 21.74 14.68 15.10
C VAL A 31 23.25 14.90 15.02
N ASN A 32 23.78 14.81 13.80
CA ASN A 32 25.20 15.01 13.58
C ASN A 32 25.46 16.45 13.17
N ASP A 33 24.74 16.92 12.14
CA ASP A 33 24.90 18.31 11.67
C ASP A 33 23.56 19.03 11.70
N ALA A 34 23.40 19.90 12.69
CA ALA A 34 22.15 20.62 12.88
C ALA A 34 21.65 21.38 11.65
N THR A 35 22.53 22.20 11.07
CA THR A 35 22.15 23.00 9.90
C THR A 35 21.61 22.12 8.79
N SER A 36 22.42 21.13 8.42
CA SER A 36 22.06 20.20 7.38
C SER A 36 20.71 19.57 7.70
N PHE A 37 20.54 19.15 8.96
CA PHE A 37 19.31 18.52 9.42
C PHE A 37 18.07 19.40 9.29
N LYS A 38 18.15 20.65 9.73
CA LYS A 38 16.99 21.54 9.63
C LYS A 38 16.56 21.76 8.19
N THR A 39 17.56 21.92 7.31
CA THR A 39 17.29 22.11 5.89
C THR A 39 16.52 20.92 5.32
N ALA A 40 16.99 19.71 5.65
CA ALA A 40 16.33 18.52 5.17
C ALA A 40 14.93 18.49 5.72
N LEU A 41 14.80 18.91 6.98
CA LEU A 41 13.52 18.92 7.66
C LEU A 41 12.49 19.71 6.89
N LYS A 42 12.90 20.86 6.41
CA LYS A 42 12.01 21.72 5.65
C LYS A 42 11.41 21.05 4.43
N THR A 43 12.14 20.12 3.83
CA THR A 43 11.59 19.41 2.67
C THR A 43 10.93 18.10 3.09
N TYR A 44 11.44 17.48 4.17
CA TYR A 44 10.88 16.21 4.63
C TYR A 44 9.48 16.28 5.25
N VAL A 45 9.25 17.26 6.11
CA VAL A 45 7.96 17.38 6.77
C VAL A 45 6.76 17.36 5.83
N PRO A 46 6.59 18.44 5.03
CA PRO A 46 5.46 18.54 4.09
C PRO A 46 5.27 17.34 3.19
N GLU A 47 6.34 16.57 3.04
CA GLU A 47 6.32 15.40 2.18
C GLU A 47 5.98 14.09 2.93
N ARG A 48 6.32 14.00 4.21
CA ARG A 48 6.07 12.75 4.94
C ARG A 48 5.29 12.75 6.26
N ILE A 49 5.42 13.82 7.05
CA ILE A 49 4.74 13.89 8.35
C ILE A 49 3.22 13.88 8.20
N THR A 50 2.61 12.77 8.59
CA THR A 50 1.17 12.63 8.46
C THR A 50 0.36 13.14 9.68
N SER A 51 -0.67 13.94 9.39
CA SER A 51 -1.52 14.55 10.40
C SER A 51 -2.76 13.75 10.75
N ALA A 52 -3.49 14.23 11.76
CA ALA A 52 -4.71 13.57 12.20
C ALA A 52 -5.66 13.56 11.01
N ALA A 53 -5.79 14.74 10.40
CA ALA A 53 -6.65 14.92 9.25
C ALA A 53 -6.40 13.83 8.20
N ILE A 54 -5.15 13.47 7.96
CA ILE A 54 -4.86 12.42 6.99
C ILE A 54 -5.27 11.04 7.48
N LEU A 55 -5.09 10.79 8.77
CA LEU A 55 -5.45 9.48 9.32
C LEU A 55 -6.96 9.22 9.31
N ILE A 56 -7.75 10.26 9.50
CA ILE A 56 -9.19 10.05 9.52
C ILE A 56 -9.83 10.18 8.15
N SER A 57 -9.05 10.55 7.14
CA SER A 57 -9.61 10.67 5.80
C SER A 57 -9.62 9.28 5.17
N ASP A 58 -10.36 9.12 4.07
CA ASP A 58 -10.50 7.83 3.40
C ASP A 58 -9.19 7.26 2.85
N PRO A 59 -9.00 5.94 3.01
CA PRO A 59 -7.82 5.23 2.53
C PRO A 59 -7.34 5.75 1.18
N SER A 60 -8.30 6.01 0.30
CA SER A 60 -8.01 6.51 -1.05
C SER A 60 -6.89 7.55 -1.15
N GLN A 61 -6.74 8.41 -0.13
CA GLN A 61 -5.70 9.44 -0.17
C GLN A 61 -4.67 9.39 0.93
N GLN A 62 -4.47 8.21 1.51
CA GLN A 62 -3.49 8.08 2.57
C GLN A 62 -2.22 7.48 2.02
N PRO A 63 -1.08 7.90 2.59
CA PRO A 63 0.25 7.44 2.19
C PRO A 63 0.35 5.93 2.33
N LEU A 64 1.43 5.35 1.81
CA LEU A 64 1.65 3.92 1.94
C LEU A 64 2.09 3.66 3.37
N ALA A 65 2.62 4.70 4.00
CA ALA A 65 3.07 4.60 5.37
C ALA A 65 2.94 5.96 6.03
N PHE A 66 2.61 5.95 7.33
CA PHE A 66 2.46 7.16 8.12
C PHE A 66 3.77 7.42 8.84
N VAL A 67 4.14 8.70 8.95
CA VAL A 67 5.35 9.08 9.66
C VAL A 67 5.10 10.27 10.58
N ASN A 68 5.59 10.15 11.81
CA ASN A 68 5.49 11.19 12.82
C ASN A 68 6.90 11.33 13.36
N LEU A 69 7.21 12.47 13.96
CA LEU A 69 8.54 12.70 14.46
C LEU A 69 8.55 13.37 15.82
N GLY A 70 9.35 12.82 16.73
CA GLY A 70 9.48 13.38 18.06
C GLY A 70 10.93 13.64 18.42
N PHE A 71 11.17 14.58 19.32
CA PHE A 71 12.52 14.92 19.75
C PHE A 71 12.70 14.77 21.24
N SER A 72 13.90 14.39 21.62
CA SER A 72 14.23 14.24 23.03
C SER A 72 14.79 15.59 23.45
N ASN A 73 14.99 15.80 24.74
CA ASN A 73 15.52 17.06 25.19
C ASN A 73 16.91 17.31 24.60
N THR A 74 17.75 16.29 24.63
CA THR A 74 19.09 16.42 24.09
C THR A 74 19.03 16.70 22.59
N GLY A 75 17.93 16.30 21.96
CA GLY A 75 17.73 16.54 20.54
C GLY A 75 17.46 18.01 20.31
N LEU A 76 16.54 18.57 21.09
CA LEU A 76 16.24 19.99 20.98
C LEU A 76 17.51 20.77 21.30
N GLN A 77 18.28 20.28 22.27
CA GLN A 77 19.51 20.95 22.63
C GLN A 77 20.47 20.91 21.46
N ALA A 78 20.57 19.75 20.82
CA ALA A 78 21.47 19.61 19.69
C ALA A 78 21.04 20.50 18.53
N LEU A 79 19.75 20.78 18.45
CA LEU A 79 19.24 21.60 17.37
C LEU A 79 19.15 23.07 17.74
N GLY A 80 19.67 23.43 18.90
CA GLY A 80 19.62 24.82 19.33
C GLY A 80 18.29 25.29 19.90
N ILE A 81 17.28 24.42 19.96
CA ILE A 81 16.00 24.82 20.53
C ILE A 81 16.09 24.68 22.05
N THR A 82 16.31 25.80 22.73
CA THR A 82 16.49 25.78 24.18
C THR A 82 15.33 26.22 25.05
N ASP A 83 14.17 26.50 24.45
CA ASP A 83 12.99 26.91 25.23
C ASP A 83 12.68 25.87 26.31
N ASP A 84 12.09 26.33 27.41
CA ASP A 84 11.68 25.42 28.48
C ASP A 84 10.29 24.94 28.07
N LEU A 85 10.14 23.66 27.77
CA LEU A 85 8.83 23.17 27.35
C LEU A 85 7.82 23.13 28.48
N GLY A 86 8.29 23.24 29.71
CA GLY A 86 7.36 23.25 30.83
C GLY A 86 7.07 21.94 31.55
N ASP A 87 7.60 20.83 31.03
CA ASP A 87 7.39 19.52 31.67
C ASP A 87 8.56 19.25 32.61
N ALA A 88 8.29 18.63 33.73
CA ALA A 88 9.33 18.36 34.71
C ALA A 88 10.25 17.17 34.44
N GLN A 89 9.78 16.16 33.70
CA GLN A 89 10.62 14.98 33.44
C GLN A 89 11.37 15.01 32.11
N PHE A 90 10.72 15.51 31.07
CA PHE A 90 11.28 15.58 29.73
C PHE A 90 12.77 15.98 29.64
N PRO A 91 13.16 17.06 30.35
CA PRO A 91 14.55 17.55 30.33
C PRO A 91 15.67 16.56 30.64
N ASP A 92 15.54 15.76 31.69
CA ASP A 92 16.59 14.83 32.07
C ASP A 92 16.56 13.47 31.43
N GLY A 93 15.55 13.20 30.61
CA GLY A 93 15.48 11.90 29.96
C GLY A 93 14.81 10.85 30.82
N GLN A 94 14.35 9.78 30.19
CA GLN A 94 13.68 8.72 30.92
C GLN A 94 14.64 7.82 31.72
N PHE A 95 15.77 7.48 31.13
CA PHE A 95 16.72 6.61 31.83
C PHE A 95 17.09 7.20 33.16
N ALA A 96 17.12 8.53 33.22
CA ALA A 96 17.45 9.24 34.44
C ALA A 96 16.24 9.24 35.38
N ASP A 97 15.12 8.79 34.85
CA ASP A 97 13.90 8.74 35.62
C ASP A 97 13.48 7.29 35.89
N ALA A 98 14.16 6.36 35.23
CA ALA A 98 13.87 4.93 35.33
C ALA A 98 13.82 4.39 36.75
N ALA A 99 14.78 4.77 37.58
CA ALA A 99 14.78 4.31 38.96
C ALA A 99 13.45 4.69 39.62
N ASN A 100 13.00 5.93 39.42
CA ASN A 100 11.74 6.38 40.00
C ASN A 100 10.58 5.52 39.55
N LEU A 101 10.63 5.05 38.31
CA LEU A 101 9.57 4.20 37.78
C LEU A 101 9.64 2.81 38.43
N GLY A 102 10.77 2.54 39.09
CA GLY A 102 10.97 1.26 39.74
C GLY A 102 11.65 0.26 38.81
N ASP A 103 12.32 0.77 37.78
CA ASP A 103 13.02 -0.05 36.80
C ASP A 103 14.28 -0.69 37.34
N ASP A 104 14.63 -1.84 36.77
CA ASP A 104 15.86 -2.55 37.13
C ASP A 104 16.87 -2.08 36.07
N LEU A 105 17.62 -1.04 36.40
CA LEU A 105 18.59 -0.47 35.48
C LEU A 105 19.51 -1.47 34.77
N SER A 106 19.78 -2.61 35.40
CA SER A 106 20.67 -3.59 34.78
C SER A 106 20.07 -4.16 33.49
N GLN A 107 18.75 -4.08 33.38
CA GLN A 107 18.06 -4.60 32.21
C GLN A 107 18.05 -3.68 30.98
N TRP A 108 18.20 -2.36 31.20
CA TRP A 108 18.21 -1.42 30.07
C TRP A 108 19.42 -1.67 29.18
N VAL A 109 19.24 -1.49 27.88
CA VAL A 109 20.31 -1.70 26.90
C VAL A 109 20.51 -0.47 26.03
N ALA A 110 21.71 -0.32 25.48
CA ALA A 110 22.01 0.82 24.62
C ALA A 110 21.09 0.75 23.40
N PRO A 111 20.87 1.90 22.74
CA PRO A 111 21.41 3.23 23.04
C PRO A 111 20.48 4.02 23.97
N PHE A 112 19.71 3.32 24.78
CA PHE A 112 18.76 3.99 25.67
C PHE A 112 19.31 4.35 27.03
N THR A 113 20.35 3.66 27.43
CA THR A 113 20.99 3.87 28.72
C THR A 113 21.76 5.18 28.81
N GLY A 114 21.10 6.28 28.41
CA GLY A 114 21.73 7.58 28.46
C GLY A 114 20.84 8.59 27.76
N THR A 115 21.43 9.58 27.10
CA THR A 115 20.63 10.56 26.40
C THR A 115 21.18 10.86 25.02
N THR A 116 21.91 9.89 24.46
CA THR A 116 22.48 10.05 23.12
C THR A 116 21.37 10.09 22.07
N ILE A 117 20.23 9.46 22.36
CA ILE A 117 19.12 9.49 21.41
C ILE A 117 18.53 10.90 21.35
N HIS A 118 18.44 11.46 20.13
CA HIS A 118 17.94 12.82 19.96
C HIS A 118 16.50 12.95 19.51
N GLY A 119 15.98 11.90 18.90
CA GLY A 119 14.61 11.97 18.44
C GLY A 119 14.24 10.64 17.86
N VAL A 120 12.97 10.49 17.47
CA VAL A 120 12.50 9.24 16.91
C VAL A 120 11.50 9.46 15.79
N PHE A 121 11.60 8.61 14.78
CA PHE A 121 10.69 8.64 13.64
C PHE A 121 9.75 7.45 13.81
N LEU A 122 8.44 7.68 13.82
CA LEU A 122 7.46 6.60 13.93
C LEU A 122 6.92 6.36 12.53
N ILE A 123 7.12 5.15 12.01
CA ILE A 123 6.66 4.82 10.68
C ILE A 123 5.63 3.72 10.79
N GLY A 124 4.41 4.00 10.35
CA GLY A 124 3.36 3.00 10.41
C GLY A 124 2.89 2.61 9.02
N SER A 125 2.93 1.32 8.73
CA SER A 125 2.50 0.83 7.43
C SER A 125 1.92 -0.57 7.59
N ASP A 126 1.42 -1.13 6.49
CA ASP A 126 0.83 -2.45 6.54
C ASP A 126 1.80 -3.55 6.18
N GLN A 127 2.89 -3.19 5.50
CA GLN A 127 3.87 -4.18 5.12
C GLN A 127 5.29 -3.73 5.48
N ASP A 128 6.11 -4.67 5.91
CA ASP A 128 7.47 -4.35 6.28
C ASP A 128 8.27 -3.73 5.14
N ASP A 129 8.05 -4.20 3.92
CA ASP A 129 8.80 -3.64 2.81
C ASP A 129 8.54 -2.14 2.67
N PHE A 130 7.32 -1.69 3.00
CA PHE A 130 7.05 -0.25 2.90
C PHE A 130 7.80 0.43 4.04
N LEU A 131 7.94 -0.30 5.13
CA LEU A 131 8.66 0.20 6.28
C LEU A 131 10.11 0.46 5.81
N ASP A 132 10.69 -0.49 5.07
CA ASP A 132 12.06 -0.31 4.60
C ASP A 132 12.15 0.81 3.57
N GLN A 133 11.09 0.97 2.80
CA GLN A 133 11.09 2.02 1.79
C GLN A 133 11.19 3.37 2.48
N PHE A 134 10.27 3.67 3.39
CA PHE A 134 10.31 4.96 4.07
C PHE A 134 11.51 5.12 4.98
N THR A 135 12.03 4.01 5.49
CA THR A 135 13.23 4.10 6.32
C THR A 135 14.35 4.67 5.45
N ASP A 136 14.53 4.09 4.26
CA ASP A 136 15.56 4.56 3.33
C ASP A 136 15.32 6.01 2.96
N ASP A 137 14.06 6.36 2.69
CA ASP A 137 13.72 7.73 2.34
C ASP A 137 14.25 8.69 3.43
N ILE A 138 14.16 8.26 4.69
CA ILE A 138 14.64 9.07 5.82
C ILE A 138 16.15 9.26 5.73
N SER A 139 16.88 8.15 5.67
CA SER A 139 18.33 8.20 5.56
C SER A 139 18.58 8.34 4.08
N SER A 140 18.38 9.54 3.56
CA SER A 140 18.52 9.81 2.13
C SER A 140 18.15 11.26 2.03
N THR A 141 17.04 11.60 2.66
CA THR A 141 16.60 12.97 2.67
C THR A 141 17.53 13.69 3.64
N PHE A 142 17.96 12.98 4.67
CA PHE A 142 18.82 13.53 5.73
C PHE A 142 20.26 13.08 5.61
N GLY A 143 20.48 11.98 4.90
CA GLY A 143 21.83 11.48 4.74
C GLY A 143 22.58 11.37 6.05
N SER A 144 23.82 11.83 6.08
CA SER A 144 24.59 11.73 7.32
C SER A 144 24.44 12.90 8.28
N SER A 145 23.38 13.70 8.14
CA SER A 145 23.19 14.83 9.04
C SER A 145 22.67 14.23 10.34
N ILE A 146 22.28 12.97 10.28
CA ILE A 146 21.79 12.24 11.43
C ILE A 146 22.33 10.82 11.34
N THR A 147 22.20 10.08 12.43
CA THR A 147 22.65 8.69 12.44
C THR A 147 21.60 7.85 13.15
N GLN A 148 20.98 6.93 12.42
CA GLN A 148 19.97 6.09 13.04
C GLN A 148 20.74 5.17 13.98
N VAL A 149 20.48 5.27 15.28
CA VAL A 149 21.22 4.46 16.23
C VAL A 149 20.57 3.15 16.62
N GLN A 150 19.28 3.02 16.30
CA GLN A 150 18.57 1.81 16.65
C GLN A 150 17.18 1.85 16.07
N ALA A 151 16.68 0.70 15.67
CA ALA A 151 15.35 0.62 15.11
C ALA A 151 14.62 -0.54 15.73
N LEU A 152 13.49 -0.24 16.39
CA LEU A 152 12.67 -1.28 16.99
C LEU A 152 11.42 -1.40 16.10
N SER A 153 11.14 -2.61 15.67
CA SER A 153 9.99 -2.84 14.80
C SER A 153 8.99 -3.77 15.46
N GLY A 154 7.72 -3.55 15.17
CA GLY A 154 6.70 -4.41 15.74
C GLY A 154 5.64 -4.72 14.71
N SER A 155 4.78 -5.68 15.03
CA SER A 155 3.71 -6.07 14.12
C SER A 155 2.59 -6.73 14.89
N ALA A 156 1.38 -6.58 14.37
CA ALA A 156 0.19 -7.16 14.99
C ALA A 156 0.34 -8.67 15.01
N ARG A 157 -0.17 -9.29 16.07
CA ARG A 157 -0.09 -10.73 16.18
C ARG A 157 -1.05 -11.35 15.16
N PRO A 158 -0.71 -12.56 14.66
CA PRO A 158 -1.42 -13.36 13.65
C PRO A 158 -2.91 -13.65 13.86
N GLY A 159 -3.60 -13.87 12.75
CA GLY A 159 -5.01 -14.22 12.75
C GLY A 159 -5.93 -13.57 13.78
N ASP A 160 -6.71 -14.41 14.46
CA ASP A 160 -7.65 -13.92 15.46
C ASP A 160 -6.98 -13.17 16.58
N GLN A 161 -5.65 -13.25 16.64
CA GLN A 161 -4.90 -12.55 17.68
C GLN A 161 -4.58 -11.08 17.36
N ALA A 162 -4.78 -10.67 16.11
CA ALA A 162 -4.51 -9.30 15.70
C ALA A 162 -5.18 -8.33 16.67
N GLY A 163 -4.39 -7.48 17.30
CA GLY A 163 -4.96 -6.53 18.25
C GLY A 163 -4.69 -6.93 19.68
N HIS A 164 -4.27 -8.17 19.87
CA HIS A 164 -3.95 -8.69 21.19
C HIS A 164 -2.45 -8.51 21.44
N GLU A 165 -2.08 -8.21 22.67
CA GLU A 165 -0.67 -8.09 22.98
C GLU A 165 -0.20 -9.54 23.20
N HIS A 166 1.08 -9.74 23.45
CA HIS A 166 1.56 -11.12 23.57
C HIS A 166 1.11 -12.01 24.72
N PHE A 167 0.54 -11.46 25.78
CA PHE A 167 0.03 -12.33 26.84
C PHE A 167 -1.32 -12.85 26.37
N GLY A 168 -1.78 -12.35 25.22
CA GLY A 168 -3.04 -12.80 24.65
C GLY A 168 -4.24 -11.90 24.84
N PHE A 169 -4.09 -10.79 25.55
CA PHE A 169 -5.20 -9.87 25.80
C PHE A 169 -5.41 -8.80 24.74
N LEU A 170 -6.66 -8.61 24.35
CA LEU A 170 -7.01 -7.58 23.37
C LEU A 170 -6.60 -6.22 23.92
N ASP A 171 -5.81 -5.47 23.15
CA ASP A 171 -5.33 -4.17 23.61
C ASP A 171 -5.86 -3.03 22.77
N GLY A 172 -5.98 -1.87 23.40
CA GLY A 172 -6.45 -0.69 22.70
C GLY A 172 -7.94 -0.42 22.78
N ILE A 173 -8.60 -1.00 23.78
CA ILE A 173 -10.04 -0.81 23.94
C ILE A 173 -10.43 0.56 24.50
N SER A 174 -9.92 0.89 25.69
CA SER A 174 -10.26 2.15 26.34
C SER A 174 -9.27 3.32 26.11
N GLN A 175 -9.78 4.39 25.52
CA GLN A 175 -8.97 5.57 25.21
C GLN A 175 -9.72 6.87 25.47
N PRO A 176 -9.04 7.85 26.05
CA PRO A 176 -9.80 9.09 26.29
C PRO A 176 -10.32 9.72 24.98
N SER A 177 -11.43 10.45 25.08
CA SER A 177 -11.99 11.14 23.93
C SER A 177 -11.80 12.62 24.25
N VAL A 178 -11.21 13.37 23.32
CA VAL A 178 -11.01 14.78 23.60
C VAL A 178 -11.97 15.66 22.84
N THR A 179 -12.41 16.73 23.50
CA THR A 179 -13.33 17.67 22.89
C THR A 179 -12.55 18.56 21.92
N GLY A 180 -13.21 19.03 20.88
CA GLY A 180 -12.53 19.88 19.91
C GLY A 180 -12.58 19.34 18.50
N TRP A 181 -13.24 18.20 18.32
CA TRP A 181 -13.36 17.61 17.00
C TRP A 181 -14.48 16.59 16.89
N GLU A 182 -15.15 16.61 15.75
CA GLU A 182 -16.25 15.70 15.45
C GLU A 182 -15.78 14.26 15.63
N THR A 183 -16.28 13.58 16.67
CA THR A 183 -15.88 12.20 16.90
C THR A 183 -16.90 11.44 17.74
N THR A 184 -17.02 10.14 17.48
CA THR A 184 -17.97 9.30 18.21
C THR A 184 -17.44 8.96 19.61
N VAL A 185 -18.31 9.04 20.60
CA VAL A 185 -17.91 8.72 21.96
C VAL A 185 -18.58 7.42 22.39
N PHE A 186 -17.78 6.43 22.75
CA PHE A 186 -18.34 5.16 23.20
C PHE A 186 -18.84 5.28 24.65
N PRO A 187 -19.95 4.60 24.96
CA PRO A 187 -20.46 4.67 26.34
C PRO A 187 -19.43 4.11 27.33
N GLY A 188 -19.04 4.95 28.28
CA GLY A 188 -18.05 4.56 29.27
C GLY A 188 -16.71 5.21 28.98
N GLN A 189 -16.57 5.76 27.78
CA GLN A 189 -15.33 6.41 27.39
C GLN A 189 -15.17 7.80 28.04
N ALA A 190 -13.98 8.06 28.58
CA ALA A 190 -13.72 9.34 29.23
C ALA A 190 -13.69 10.45 28.18
N VAL A 191 -14.25 11.59 28.54
CA VAL A 191 -14.28 12.75 27.64
C VAL A 191 -13.52 13.88 28.34
N VAL A 192 -12.36 14.25 27.80
CA VAL A 192 -11.56 15.28 28.43
C VAL A 192 -11.21 16.46 27.53
N PRO A 193 -10.83 17.58 28.14
CA PRO A 193 -10.45 18.81 27.44
C PRO A 193 -9.23 18.45 26.60
N PRO A 194 -9.05 19.10 25.43
CA PRO A 194 -7.90 18.80 24.58
C PRO A 194 -6.55 19.02 25.25
N GLY A 195 -6.56 19.84 26.30
CA GLY A 195 -5.34 20.15 27.03
C GLY A 195 -4.71 19.01 27.81
N ILE A 196 -5.47 17.93 28.02
CA ILE A 196 -4.91 16.80 28.75
C ILE A 196 -3.89 16.09 27.86
N ILE A 197 -4.12 16.15 26.56
CA ILE A 197 -3.25 15.49 25.60
C ILE A 197 -2.38 16.46 24.79
N LEU A 198 -2.97 17.54 24.29
CA LEU A 198 -2.25 18.53 23.48
C LEU A 198 -1.75 19.70 24.30
N THR A 199 -0.44 19.94 24.30
CA THR A 199 0.11 21.06 25.07
C THR A 199 -0.39 22.40 24.56
N GLY A 200 -0.58 23.33 25.49
CA GLY A 200 -1.04 24.65 25.10
C GLY A 200 -2.54 24.76 24.98
N ARG A 201 -3.22 23.62 24.81
CA ARG A 201 -4.67 23.61 24.69
C ARG A 201 -5.39 23.74 26.04
N ASP A 202 -6.71 23.80 25.98
CA ASP A 202 -7.51 23.95 27.18
C ASP A 202 -7.45 22.76 28.13
N GLY A 203 -6.91 22.98 29.31
CA GLY A 203 -6.80 21.90 30.28
C GLY A 203 -5.35 21.64 30.62
N ASP A 204 -4.44 22.13 29.78
CA ASP A 204 -3.03 21.94 30.04
C ASP A 204 -2.61 22.93 31.13
N THR A 205 -2.24 22.42 32.29
CA THR A 205 -1.84 23.29 33.40
C THR A 205 -0.39 23.72 33.33
N GLY A 206 0.37 23.12 32.42
CA GLY A 206 1.77 23.50 32.30
C GLY A 206 1.95 24.83 31.59
N THR A 207 3.12 25.43 31.74
CA THR A 207 3.42 26.70 31.09
C THR A 207 4.27 26.36 29.86
N ARG A 208 3.67 26.54 28.69
CA ARG A 208 4.34 26.21 27.44
C ARG A 208 4.68 27.38 26.54
N PRO A 209 5.79 27.28 25.79
CA PRO A 209 6.10 28.40 24.90
C PRO A 209 5.02 28.33 23.81
N SER A 210 4.73 29.44 23.15
CA SER A 210 3.69 29.43 22.13
C SER A 210 3.91 28.44 20.98
N TRP A 211 5.16 28.12 20.65
CA TRP A 211 5.36 27.19 19.55
C TRP A 211 5.03 25.74 19.90
N ALA A 212 4.90 25.44 21.18
CA ALA A 212 4.59 24.09 21.63
C ALA A 212 3.12 23.75 21.49
N LEU A 213 2.32 24.69 21.01
CA LEU A 213 0.89 24.44 20.86
C LEU A 213 0.60 23.22 20.02
N ASP A 214 -0.38 22.44 20.46
CA ASP A 214 -0.77 21.24 19.75
C ASP A 214 0.34 20.21 19.66
N GLY A 215 1.26 20.26 20.61
CA GLY A 215 2.32 19.29 20.67
C GLY A 215 1.85 18.23 21.67
N SER A 216 2.75 17.35 22.09
CA SER A 216 2.41 16.33 23.05
C SER A 216 3.63 15.53 23.43
N PHE A 217 3.69 15.08 24.67
CA PHE A 217 4.81 14.31 25.14
C PHE A 217 4.56 12.82 25.01
N MET A 218 5.53 12.11 24.49
CA MET A 218 5.40 10.67 24.33
C MET A 218 6.31 9.95 25.31
N ALA A 219 5.72 9.01 26.04
CA ALA A 219 6.50 8.20 26.95
C ALA A 219 6.62 6.91 26.16
N PHE A 220 7.84 6.52 25.83
CA PHE A 220 8.09 5.31 25.08
C PHE A 220 8.79 4.29 25.99
N ARG A 221 8.24 3.08 26.05
CA ARG A 221 8.84 2.05 26.87
C ARG A 221 9.02 0.83 26.00
N HIS A 222 10.23 0.28 26.00
CA HIS A 222 10.51 -0.93 25.25
C HIS A 222 10.35 -2.03 26.28
N PHE A 223 9.25 -2.79 26.17
CA PHE A 223 8.97 -3.87 27.11
C PHE A 223 9.19 -5.27 26.54
N GLN A 224 9.88 -6.13 27.29
CA GLN A 224 10.05 -7.50 26.83
C GLN A 224 9.13 -8.35 27.70
N GLN A 225 8.29 -9.16 27.08
CA GLN A 225 7.34 -9.97 27.83
C GLN A 225 7.71 -11.44 27.97
N LYS A 226 7.61 -11.94 29.20
CA LYS A 226 7.90 -13.34 29.49
C LYS A 226 6.57 -14.07 29.47
N VAL A 227 6.13 -14.46 28.27
CA VAL A 227 4.85 -15.13 28.08
C VAL A 227 4.79 -16.53 28.70
N PRO A 228 5.69 -17.44 28.31
CA PRO A 228 5.65 -18.78 28.91
C PRO A 228 5.57 -18.72 30.43
N GLU A 229 6.39 -17.86 31.02
CA GLU A 229 6.39 -17.72 32.47
C GLU A 229 5.03 -17.28 32.99
N PHE A 230 4.38 -16.38 32.23
CA PHE A 230 3.05 -15.85 32.60
C PHE A 230 2.03 -16.98 32.67
N ASN A 231 1.95 -17.79 31.61
CA ASN A 231 1.01 -18.90 31.58
C ASN A 231 1.30 -19.84 32.73
N ALA A 232 2.52 -20.37 32.73
CA ALA A 232 2.95 -21.29 33.77
C ALA A 232 2.47 -20.79 35.13
N TYR A 233 2.65 -19.50 35.38
CA TYR A 233 2.27 -18.93 36.67
C TYR A 233 0.78 -18.98 36.97
N THR A 234 -0.05 -18.75 35.96
CA THR A 234 -1.49 -18.77 36.18
C THR A 234 -2.03 -20.18 36.39
N LEU A 235 -1.36 -21.17 35.79
CA LEU A 235 -1.75 -22.56 35.92
C LEU A 235 -1.41 -22.99 37.34
N ALA A 236 -0.19 -22.66 37.75
CA ALA A 236 0.29 -22.97 39.08
C ALA A 236 -0.44 -22.12 40.13
N ASN A 237 -1.50 -21.43 39.72
CA ASN A 237 -2.25 -20.59 40.65
C ASN A 237 -3.72 -20.44 40.27
N ALA A 238 -4.16 -21.26 39.32
CA ALA A 238 -5.53 -21.24 38.84
C ALA A 238 -6.50 -20.99 39.99
N ILE A 239 -7.45 -20.11 39.79
CA ILE A 239 -8.42 -19.84 40.86
C ILE A 239 -9.41 -21.00 40.88
N PRO A 240 -9.62 -21.59 42.07
CA PRO A 240 -10.52 -22.73 42.31
C PRO A 240 -11.93 -22.57 41.78
N ALA A 241 -12.60 -21.48 42.14
CA ALA A 241 -13.97 -21.25 41.69
C ALA A 241 -14.45 -19.83 41.97
N ASN A 242 -15.68 -19.55 41.53
CA ASN A 242 -16.30 -18.25 41.75
C ASN A 242 -17.82 -18.43 41.70
N SER A 243 -18.58 -17.41 42.10
CA SER A 243 -20.04 -17.46 42.10
C SER A 243 -20.60 -18.51 41.15
N ALA A 244 -20.22 -18.41 39.88
CA ALA A 244 -20.72 -19.30 38.84
C ALA A 244 -20.41 -20.80 39.01
N GLY A 245 -19.43 -21.13 39.83
CA GLY A 245 -19.10 -22.54 40.02
C GLY A 245 -17.62 -22.89 40.06
N ASN A 246 -17.33 -24.18 40.17
CA ASN A 246 -15.94 -24.65 40.24
C ASN A 246 -15.26 -24.51 38.90
N LEU A 247 -14.02 -24.04 38.93
CA LEU A 247 -13.26 -23.86 37.71
C LEU A 247 -12.19 -24.93 37.63
N THR A 248 -11.94 -25.41 36.41
CA THR A 248 -10.93 -26.44 36.19
C THR A 248 -9.57 -25.79 36.25
N GLN A 249 -8.56 -26.45 35.67
CA GLN A 249 -7.22 -25.89 35.65
C GLN A 249 -7.22 -24.70 34.71
N GLN A 250 -7.45 -24.97 33.43
CA GLN A 250 -7.48 -23.93 32.44
C GLN A 250 -8.40 -22.83 32.92
N GLU A 251 -9.68 -23.15 33.09
CA GLU A 251 -10.65 -22.18 33.54
C GLU A 251 -10.09 -21.27 34.64
N GLY A 252 -9.60 -21.89 35.72
CA GLY A 252 -9.06 -21.12 36.82
C GLY A 252 -7.87 -20.25 36.44
N ALA A 253 -7.01 -20.78 35.58
CA ALA A 253 -5.83 -20.05 35.12
C ALA A 253 -6.29 -18.84 34.29
N GLU A 254 -7.19 -19.08 33.34
CA GLU A 254 -7.71 -18.03 32.48
C GLU A 254 -8.37 -16.98 33.34
N PHE A 255 -9.13 -17.43 34.34
CA PHE A 255 -9.83 -16.53 35.24
C PHE A 255 -8.85 -15.69 36.04
N LEU A 256 -7.73 -16.31 36.41
CA LEU A 256 -6.72 -15.60 37.19
C LEU A 256 -6.15 -14.46 36.33
N GLY A 257 -5.69 -14.81 35.13
CA GLY A 257 -5.13 -13.82 34.21
C GLY A 257 -6.08 -12.66 34.05
N ALA A 258 -7.34 -12.97 33.80
CA ALA A 258 -8.36 -11.96 33.63
C ALA A 258 -8.52 -11.11 34.90
N ARG A 259 -8.36 -11.74 36.07
CA ARG A 259 -8.51 -11.00 37.32
C ARG A 259 -7.35 -10.04 37.48
N MET A 260 -6.20 -10.40 36.91
CA MET A 260 -5.02 -9.56 37.00
C MET A 260 -5.12 -8.33 36.09
N PHE A 261 -5.73 -8.51 34.92
CA PHE A 261 -5.87 -7.41 33.97
C PHE A 261 -7.12 -6.57 34.15
N GLY A 262 -8.23 -7.22 34.46
CA GLY A 262 -9.48 -6.49 34.63
C GLY A 262 -10.33 -6.76 33.40
N ARG A 263 -9.77 -7.52 32.48
CA ARG A 263 -10.46 -7.88 31.23
C ARG A 263 -10.10 -9.30 30.85
N TRP A 264 -11.02 -9.95 30.14
CA TRP A 264 -10.78 -11.29 29.65
C TRP A 264 -9.91 -11.08 28.42
N LYS A 265 -9.22 -12.12 27.97
CA LYS A 265 -8.38 -11.92 26.80
C LYS A 265 -9.19 -11.37 25.61
N SER A 266 -10.51 -11.48 25.69
CA SER A 266 -11.39 -11.03 24.61
C SER A 266 -11.74 -9.55 24.66
N GLY A 267 -11.48 -8.92 25.80
CA GLY A 267 -11.78 -7.52 25.92
C GLY A 267 -12.97 -7.33 26.84
N ALA A 268 -13.72 -8.40 27.05
CA ALA A 268 -14.87 -8.34 27.95
C ALA A 268 -14.35 -7.89 29.32
N PRO A 269 -14.78 -6.71 29.80
CA PRO A 269 -14.32 -6.22 31.10
C PRO A 269 -14.95 -7.08 32.18
N ILE A 270 -14.16 -7.53 33.15
CA ILE A 270 -14.69 -8.39 34.19
C ILE A 270 -15.72 -7.71 35.09
N ASP A 271 -15.75 -6.38 35.08
CA ASP A 271 -16.72 -5.68 35.90
C ASP A 271 -18.10 -5.81 35.26
N LEU A 272 -18.17 -6.48 34.12
CA LEU A 272 -19.43 -6.70 33.42
C LEU A 272 -19.61 -8.20 33.18
N ALA A 273 -18.50 -8.93 33.10
CA ALA A 273 -18.52 -10.38 32.92
C ALA A 273 -17.57 -10.89 34.00
N PRO A 274 -17.98 -10.72 35.27
CA PRO A 274 -17.25 -11.11 36.47
C PRO A 274 -16.91 -12.56 36.73
N THR A 275 -17.66 -13.49 36.16
CA THR A 275 -17.35 -14.90 36.42
C THR A 275 -17.05 -15.74 35.19
N ALA A 276 -17.30 -15.18 34.01
CA ALA A 276 -17.01 -15.89 32.76
C ALA A 276 -16.85 -14.90 31.62
N ASP A 277 -16.12 -15.32 30.59
CA ASP A 277 -15.86 -14.51 29.42
C ASP A 277 -17.10 -14.32 28.55
N ASP A 278 -17.22 -13.15 27.91
CA ASP A 278 -18.34 -12.83 27.02
C ASP A 278 -17.75 -12.29 25.71
N PRO A 279 -17.20 -13.19 24.87
CA PRO A 279 -16.61 -12.82 23.58
C PRO A 279 -17.36 -11.74 22.82
N ALA A 280 -18.66 -11.92 22.65
CA ALA A 280 -19.47 -10.95 21.93
C ALA A 280 -19.36 -9.57 22.56
N LEU A 281 -19.47 -9.51 23.88
CA LEU A 281 -19.37 -8.23 24.58
C LEU A 281 -18.00 -7.60 24.32
N GLY A 282 -16.96 -8.42 24.43
CA GLY A 282 -15.60 -7.93 24.22
C GLY A 282 -15.40 -7.28 22.87
N ALA A 283 -15.95 -7.89 21.83
CA ALA A 283 -15.81 -7.37 20.47
C ALA A 283 -16.74 -6.19 20.16
N ASP A 284 -17.56 -5.79 21.12
CA ASP A 284 -18.49 -4.69 20.89
C ASP A 284 -18.06 -3.39 21.58
N PRO A 285 -17.48 -2.47 20.80
CA PRO A 285 -17.01 -1.17 21.32
C PRO A 285 -18.12 -0.33 21.96
N GLN A 286 -19.37 -0.64 21.62
CA GLN A 286 -20.50 0.09 22.19
C GLN A 286 -20.83 -0.42 23.58
N ARG A 287 -20.26 -1.57 23.96
CA ARG A 287 -20.56 -2.15 25.26
C ARG A 287 -19.38 -2.56 26.12
N ASN A 288 -18.28 -2.97 25.50
CA ASN A 288 -17.10 -3.44 26.22
C ASN A 288 -16.39 -2.43 27.12
N ASN A 289 -16.90 -1.22 27.24
CA ASN A 289 -16.22 -0.24 28.09
C ASN A 289 -17.17 0.55 28.97
N ASN A 290 -18.43 0.12 29.03
CA ASN A 290 -19.44 0.81 29.82
C ASN A 290 -19.53 0.32 31.27
N PHE A 291 -18.53 0.66 32.08
CA PHE A 291 -18.46 0.26 33.47
C PHE A 291 -17.58 1.27 34.21
N ASP A 292 -17.66 1.31 35.54
CA ASP A 292 -16.82 2.25 36.30
C ASP A 292 -16.51 1.79 37.73
N TYR A 293 -16.65 0.49 37.97
CA TYR A 293 -16.37 -0.11 39.27
C TYR A 293 -17.29 0.41 40.38
N SER A 294 -18.23 1.28 40.03
CA SER A 294 -19.15 1.84 41.01
C SER A 294 -19.89 0.74 41.76
N ASP A 295 -19.90 -0.45 41.18
CA ASP A 295 -20.59 -1.58 41.79
C ASP A 295 -19.64 -2.56 42.49
N THR A 296 -18.38 -2.16 42.64
CA THR A 296 -17.41 -3.05 43.27
C THR A 296 -16.35 -2.20 43.96
N LEU A 297 -16.81 -1.05 44.44
CA LEU A 297 -15.96 -0.09 45.13
C LEU A 297 -15.37 -0.59 46.45
N THR A 298 -16.23 -1.06 47.35
CA THR A 298 -15.74 -1.52 48.66
C THR A 298 -15.59 -3.02 48.82
N ASP A 299 -15.44 -3.74 47.72
CA ASP A 299 -15.25 -5.18 47.76
C ASP A 299 -14.65 -5.58 46.42
N GLU A 300 -14.03 -6.74 46.34
CA GLU A 300 -13.38 -7.14 45.11
C GLU A 300 -14.02 -8.31 44.39
N THR A 301 -15.32 -8.46 44.57
CA THR A 301 -16.02 -9.56 43.95
C THR A 301 -16.02 -9.48 42.43
N ARG A 302 -16.44 -8.34 41.90
CA ARG A 302 -16.49 -8.17 40.44
C ARG A 302 -15.11 -7.92 39.83
N CYS A 303 -14.30 -7.11 40.50
CA CYS A 303 -12.96 -6.81 40.00
C CYS A 303 -11.98 -6.45 41.10
N PRO A 304 -10.76 -7.00 41.05
CA PRO A 304 -9.72 -6.74 42.05
C PRO A 304 -9.44 -5.25 42.13
N PHE A 305 -8.88 -4.79 43.25
CA PHE A 305 -8.58 -3.37 43.41
C PHE A 305 -7.32 -3.02 42.62
N GLY A 306 -6.44 -4.00 42.45
CA GLY A 306 -5.20 -3.76 41.74
C GLY A 306 -5.07 -4.37 40.36
N ALA A 307 -6.18 -4.55 39.66
CA ALA A 307 -6.12 -5.08 38.30
C ALA A 307 -5.56 -3.98 37.38
N HIS A 308 -4.70 -4.38 36.43
CA HIS A 308 -4.06 -3.44 35.51
C HIS A 308 -4.93 -2.24 35.10
N VAL A 309 -6.03 -2.51 34.42
CA VAL A 309 -6.90 -1.44 33.95
C VAL A 309 -7.47 -0.57 35.07
N ARG A 310 -7.74 -1.17 36.22
CA ARG A 310 -8.30 -0.39 37.32
C ARG A 310 -7.25 0.53 37.95
N LYS A 311 -6.00 0.10 37.91
CA LYS A 311 -4.91 0.90 38.48
C LYS A 311 -4.52 2.03 37.51
N THR A 312 -4.51 1.75 36.21
CA THR A 312 -4.15 2.79 35.23
C THR A 312 -5.32 3.75 34.98
N ASN A 313 -6.54 3.30 35.26
CA ASN A 313 -7.73 4.14 35.13
C ASN A 313 -8.75 3.63 36.14
N PRO A 314 -8.63 4.11 37.40
CA PRO A 314 -9.49 3.75 38.54
C PRO A 314 -10.94 4.17 38.39
N ARG A 315 -11.23 4.95 37.35
CA ARG A 315 -12.57 5.42 37.10
C ARG A 315 -13.23 5.94 38.37
N GLN A 316 -14.27 5.26 38.82
CA GLN A 316 -14.99 5.70 40.00
C GLN A 316 -14.20 5.67 41.31
N ASP A 317 -13.15 4.86 41.36
CA ASP A 317 -12.33 4.76 42.55
C ASP A 317 -11.82 6.08 43.06
N LEU A 318 -12.05 7.16 42.33
CA LEU A 318 -11.58 8.46 42.81
C LEU A 318 -12.60 9.57 42.86
N GLY A 319 -13.85 9.20 43.13
CA GLY A 319 -14.89 10.21 43.25
C GLY A 319 -15.82 10.33 42.08
N GLY A 320 -15.26 10.44 40.89
CA GLY A 320 -16.07 10.57 39.70
C GLY A 320 -15.14 10.93 38.56
N PRO A 321 -15.61 11.64 37.53
CA PRO A 321 -14.70 11.99 36.44
C PRO A 321 -13.57 12.88 36.89
N VAL A 322 -12.40 12.68 36.28
CA VAL A 322 -11.22 13.48 36.54
C VAL A 322 -10.44 13.49 35.24
N ASP A 323 -10.22 14.68 34.67
CA ASP A 323 -9.50 14.79 33.40
C ASP A 323 -8.03 14.47 33.54
N THR A 324 -7.42 15.20 34.45
CA THR A 324 -5.99 15.13 34.73
C THR A 324 -5.15 13.92 34.40
N PHE A 325 -5.64 12.72 34.64
CA PHE A 325 -4.78 11.55 34.43
C PHE A 325 -5.00 10.61 33.25
N HIS A 326 -5.81 11.05 32.30
CA HIS A 326 -6.03 10.24 31.12
C HIS A 326 -4.89 10.49 30.12
N ALA A 327 -4.63 9.52 29.27
CA ALA A 327 -3.59 9.61 28.25
C ALA A 327 -3.97 8.73 27.07
N MET A 328 -3.37 9.00 25.92
CA MET A 328 -3.63 8.22 24.72
C MET A 328 -2.53 7.17 24.58
N ARG A 329 -2.90 6.00 24.11
CA ARG A 329 -1.90 4.95 23.92
C ARG A 329 -1.90 4.56 22.46
N SER A 330 -0.72 4.24 21.93
CA SER A 330 -0.62 3.84 20.53
C SER A 330 0.51 2.81 20.40
N SER A 331 0.49 1.82 21.30
CA SER A 331 1.49 0.77 21.35
C SER A 331 1.31 -0.30 20.28
N ILE A 332 2.27 -1.20 20.18
CA ILE A 332 2.21 -2.29 19.23
C ILE A 332 3.10 -3.44 19.69
N PRO A 333 2.65 -4.67 19.52
CA PRO A 333 3.41 -5.85 19.91
C PRO A 333 4.60 -6.05 18.98
N TYR A 334 5.55 -6.87 19.40
CA TYR A 334 6.71 -7.15 18.58
C TYR A 334 7.14 -8.55 18.93
N GLY A 335 7.82 -9.21 18.01
CA GLY A 335 8.27 -10.56 18.27
C GLY A 335 7.36 -11.65 17.74
N PRO A 336 7.88 -12.88 17.60
CA PRO A 336 7.12 -14.03 17.09
C PRO A 336 6.25 -14.63 18.19
N GLU A 337 5.36 -15.52 17.80
CA GLU A 337 4.47 -16.18 18.75
C GLU A 337 5.23 -17.19 19.62
N THR A 338 4.55 -17.72 20.64
CA THR A 338 5.16 -18.69 21.55
C THR A 338 5.12 -20.10 20.98
N SER A 339 6.28 -20.75 20.91
CA SER A 339 6.39 -22.11 20.37
C SER A 339 5.99 -23.19 21.36
N ASP A 340 6.16 -24.45 20.93
CA ASP A 340 5.83 -25.62 21.75
C ASP A 340 6.92 -25.75 22.81
N ALA A 341 8.16 -25.80 22.34
CA ALA A 341 9.32 -25.90 23.21
C ALA A 341 9.27 -24.81 24.28
N GLU A 342 8.63 -23.68 23.95
CA GLU A 342 8.52 -22.55 24.88
C GLU A 342 7.46 -22.78 25.95
N LEU A 343 6.21 -22.86 25.52
CA LEU A 343 5.11 -23.07 26.46
C LEU A 343 5.27 -24.42 27.15
N ALA A 344 5.74 -25.41 26.38
CA ALA A 344 5.96 -26.76 26.92
C ALA A 344 7.19 -26.79 27.81
N SER A 345 7.61 -25.62 28.28
CA SER A 345 8.77 -25.53 29.16
C SER A 345 8.58 -24.38 30.14
N GLY A 346 7.62 -23.50 29.82
CA GLY A 346 7.34 -22.37 30.67
C GLY A 346 8.50 -21.39 30.77
N VAL A 347 9.47 -21.53 29.87
CA VAL A 347 10.62 -20.65 29.86
C VAL A 347 10.77 -19.94 28.52
N THR A 348 10.81 -18.61 28.59
CA THR A 348 10.94 -17.77 27.40
C THR A 348 12.23 -18.11 26.68
N ALA A 349 12.15 -18.27 25.37
CA ALA A 349 13.33 -18.60 24.59
C ALA A 349 13.45 -17.65 23.42
N GLN A 350 12.52 -16.69 23.34
CA GLN A 350 12.56 -15.72 22.26
C GLN A 350 12.16 -14.33 22.70
N ASP A 351 12.71 -13.33 22.03
CA ASP A 351 12.41 -11.95 22.36
C ASP A 351 11.10 -11.47 21.77
N ARG A 352 10.14 -11.20 22.65
CA ARG A 352 8.84 -10.70 22.26
C ARG A 352 8.37 -9.72 23.33
N GLY A 353 7.51 -8.80 22.95
CA GLY A 353 7.04 -7.82 23.92
C GLY A 353 6.20 -6.71 23.32
N LEU A 354 6.21 -5.56 23.98
CA LEU A 354 5.42 -4.44 23.52
C LEU A 354 6.24 -3.17 23.36
N LEU A 355 5.98 -2.46 22.26
CA LEU A 355 6.64 -1.19 22.01
C LEU A 355 5.54 -0.24 22.46
N PHE A 356 5.64 0.17 23.71
CA PHE A 356 4.65 1.02 24.38
C PHE A 356 4.80 2.51 24.09
N VAL A 357 3.69 3.14 23.70
CA VAL A 357 3.68 4.55 23.39
C VAL A 357 2.49 5.20 24.09
N GLU A 358 2.75 6.19 24.94
CA GLU A 358 1.67 6.88 25.64
C GLU A 358 1.82 8.41 25.51
N TYR A 359 0.74 9.07 25.07
CA TYR A 359 0.75 10.52 24.86
C TYR A 359 -0.06 11.31 25.89
N GLN A 360 0.53 12.39 26.37
CA GLN A 360 -0.12 13.28 27.34
C GLN A 360 0.58 14.64 27.35
N SER A 361 -0.15 15.71 27.66
CA SER A 361 0.45 17.03 27.69
C SER A 361 1.44 17.15 28.85
N ILE A 362 1.16 16.41 29.93
CA ILE A 362 2.02 16.42 31.12
C ILE A 362 2.41 14.98 31.46
N ILE A 363 3.69 14.65 31.28
CA ILE A 363 4.17 13.31 31.56
C ILE A 363 3.85 12.85 32.98
N GLY A 364 4.04 13.77 33.93
CA GLY A 364 3.78 13.47 35.33
C GLY A 364 2.34 13.19 35.69
N ASN A 365 1.40 13.51 34.81
CA ASN A 365 0.00 13.25 35.12
C ASN A 365 -0.57 12.06 34.37
N GLY A 366 0.19 11.54 33.40
CA GLY A 366 -0.30 10.42 32.63
C GLY A 366 0.50 9.18 32.95
N PHE A 367 1.30 8.76 31.97
CA PHE A 367 2.15 7.58 32.12
C PHE A 367 2.84 7.53 33.49
N ARG A 368 3.65 8.54 33.79
CA ARG A 368 4.38 8.58 35.05
C ARG A 368 3.46 8.46 36.26
N PHE A 369 2.29 9.09 36.20
CA PHE A 369 1.35 9.06 37.30
C PHE A 369 0.76 7.66 37.45
N GLN A 370 0.25 7.13 36.35
CA GLN A 370 -0.32 5.82 36.36
C GLN A 370 0.71 4.83 36.91
N GLN A 371 1.95 4.99 36.48
CA GLN A 371 3.02 4.11 36.93
C GLN A 371 3.41 4.24 38.40
N ILE A 372 3.88 5.43 38.78
CA ILE A 372 4.33 5.72 40.13
C ILE A 372 3.21 5.79 41.17
N ASN A 373 2.37 6.80 41.04
CA ASN A 373 1.29 7.01 41.97
C ASN A 373 0.23 5.94 42.11
N TRP A 374 -0.08 5.22 41.04
CA TRP A 374 -1.12 4.19 41.12
C TRP A 374 -0.62 2.76 41.09
N ALA A 375 -0.13 2.33 39.93
CA ALA A 375 0.37 0.97 39.78
C ALA A 375 1.32 0.56 40.90
N ASN A 376 2.37 1.36 41.12
CA ASN A 376 3.35 1.04 42.15
C ASN A 376 2.94 1.32 43.60
N ASN A 377 1.77 1.93 43.81
CA ASN A 377 1.34 2.25 45.16
C ASN A 377 0.44 1.16 45.75
N ALA A 378 0.98 0.41 46.71
CA ALA A 378 0.21 -0.66 47.33
C ALA A 378 -1.07 -0.12 47.96
N ASN A 379 -1.02 1.08 48.52
CA ASN A 379 -2.20 1.69 49.14
C ASN A 379 -3.13 2.41 48.17
N PHE A 380 -3.07 2.04 46.89
CA PHE A 380 -3.93 2.65 45.90
C PHE A 380 -4.63 1.57 45.09
N PRO A 381 -5.94 1.73 44.83
CA PRO A 381 -6.84 2.83 45.23
C PRO A 381 -6.85 3.09 46.73
N PHE A 382 -7.04 4.34 47.12
CA PHE A 382 -7.06 4.70 48.53
C PHE A 382 -8.27 4.21 49.28
N SER A 383 -8.12 4.12 50.61
CA SER A 383 -9.17 3.70 51.53
C SER A 383 -10.11 2.58 51.08
N LYS A 384 -9.56 1.39 50.87
CA LYS A 384 -10.34 0.24 50.47
C LYS A 384 -10.29 -0.77 51.63
N PRO A 385 -11.36 -1.55 51.82
CA PRO A 385 -11.40 -2.55 52.88
C PRO A 385 -10.21 -3.50 52.88
N ILE A 386 -9.71 -3.85 51.70
CA ILE A 386 -8.54 -4.73 51.62
C ILE A 386 -7.45 -3.96 50.90
N THR A 387 -6.19 -4.21 51.26
CA THR A 387 -5.09 -3.52 50.60
C THR A 387 -4.98 -3.97 49.15
N PRO A 388 -5.04 -3.00 48.20
CA PRO A 388 -4.96 -3.26 46.77
C PRO A 388 -3.73 -4.06 46.41
N GLY A 389 -2.56 -3.50 46.73
CA GLY A 389 -1.30 -4.16 46.43
C GLY A 389 -0.57 -3.61 45.22
N ILE A 390 0.38 -4.39 44.70
CA ILE A 390 1.14 -3.96 43.53
C ILE A 390 0.55 -4.52 42.25
N GLU A 391 0.23 -3.62 41.31
CA GLU A 391 -0.34 -4.02 40.02
C GLU A 391 0.49 -5.17 39.46
N PRO A 392 -0.09 -6.38 39.35
CA PRO A 392 0.61 -7.56 38.83
C PRO A 392 1.33 -7.46 37.49
N ILE A 393 0.75 -6.74 36.52
CA ILE A 393 1.35 -6.65 35.20
C ILE A 393 2.52 -5.67 35.02
N ILE A 394 2.36 -4.43 35.46
CA ILE A 394 3.44 -3.46 35.31
C ILE A 394 3.92 -2.79 36.60
N GLY A 395 3.32 -3.14 37.73
CA GLY A 395 3.73 -2.55 39.00
C GLY A 395 5.16 -2.98 39.28
N GLN A 396 6.01 -2.05 39.73
CA GLN A 396 7.38 -2.41 39.99
C GLN A 396 7.87 -2.32 41.43
N THR A 397 7.00 -1.91 42.34
CA THR A 397 7.37 -1.85 43.74
C THR A 397 7.57 -3.28 44.23
N THR A 398 8.56 -3.55 45.06
CA THR A 398 8.71 -4.91 45.56
C THR A 398 8.54 -4.88 47.08
N PRO A 399 7.93 -5.93 47.65
CA PRO A 399 7.42 -7.13 46.99
C PRO A 399 6.23 -6.88 46.08
N ARG A 400 6.23 -7.51 44.92
CA ARG A 400 5.14 -7.39 43.97
C ARG A 400 3.98 -8.23 44.51
N THR A 401 3.32 -7.72 45.54
CA THR A 401 2.22 -8.43 46.16
C THR A 401 0.89 -7.76 45.90
N VAL A 402 -0.03 -8.53 45.32
CA VAL A 402 -1.34 -8.02 45.01
C VAL A 402 -2.41 -8.87 45.69
N GLY A 403 -3.43 -8.22 46.22
CA GLY A 403 -4.49 -8.96 46.88
C GLY A 403 -5.81 -8.84 46.15
N GLY A 404 -6.72 -9.76 46.44
CA GLY A 404 -8.05 -9.73 45.84
C GLY A 404 -8.28 -10.57 44.59
N LEU A 405 -7.26 -11.26 44.10
CA LEU A 405 -7.42 -12.05 42.89
C LEU A 405 -8.53 -13.09 42.99
N ASP A 406 -8.55 -13.87 44.06
CA ASP A 406 -9.60 -14.87 44.23
C ASP A 406 -10.82 -14.15 44.78
N PRO A 407 -11.90 -14.07 43.99
CA PRO A 407 -13.12 -13.39 44.42
C PRO A 407 -13.73 -13.99 45.69
N LEU A 408 -13.56 -15.30 45.87
CA LEU A 408 -14.10 -15.97 47.04
C LEU A 408 -13.33 -15.54 48.28
N ASN A 409 -12.11 -16.04 48.49
CA ASN A 409 -11.34 -15.57 49.65
C ASN A 409 -10.41 -14.44 49.21
N GLN A 410 -11.01 -13.25 49.15
CA GLN A 410 -10.33 -12.05 48.73
C GLN A 410 -9.05 -11.71 49.48
N ASN A 411 -9.07 -11.83 50.80
CA ASN A 411 -7.88 -11.52 51.60
C ASN A 411 -6.62 -12.22 51.14
N GLU A 412 -6.78 -13.35 50.44
CA GLU A 412 -5.61 -14.06 49.94
C GLU A 412 -4.78 -13.15 49.05
N THR A 413 -3.47 -13.16 49.23
CA THR A 413 -2.61 -12.33 48.41
C THR A 413 -1.71 -13.21 47.52
N PHE A 414 -1.13 -12.59 46.50
CA PHE A 414 -0.25 -13.31 45.58
C PHE A 414 0.95 -12.44 45.28
N THR A 415 2.14 -13.01 45.39
CA THR A 415 3.33 -12.27 45.07
C THR A 415 3.67 -12.75 43.67
N VAL A 416 3.41 -11.88 42.70
CA VAL A 416 3.61 -12.20 41.29
C VAL A 416 4.99 -11.84 40.77
N PRO A 417 5.57 -12.71 39.93
CA PRO A 417 6.89 -12.46 39.35
C PRO A 417 6.67 -11.44 38.23
N LEU A 418 7.62 -10.53 38.04
CA LEU A 418 7.51 -9.51 37.00
C LEU A 418 7.69 -10.17 35.63
N PHE A 419 6.67 -10.07 34.79
CA PHE A 419 6.71 -10.65 33.45
C PHE A 419 6.92 -9.61 32.37
N VAL A 420 6.90 -8.35 32.78
CA VAL A 420 7.09 -7.22 31.88
C VAL A 420 8.45 -6.62 32.21
N ILE A 421 9.35 -6.68 31.25
CA ILE A 421 10.70 -6.17 31.48
C ILE A 421 11.20 -5.01 30.62
N PRO A 422 11.41 -3.85 31.25
CA PRO A 422 11.90 -2.61 30.63
C PRO A 422 13.30 -2.79 30.01
N LYS A 423 13.41 -2.61 28.71
CA LYS A 423 14.70 -2.75 28.05
C LYS A 423 15.25 -1.40 27.61
N GLY A 424 14.43 -0.38 27.80
CA GLY A 424 14.82 0.97 27.43
C GLY A 424 13.59 1.80 27.18
N GLY A 425 13.77 3.12 27.19
CA GLY A 425 12.65 4.00 26.95
C GLY A 425 13.19 5.40 26.87
N GLU A 426 12.32 6.37 26.63
CA GLU A 426 12.75 7.75 26.52
C GLU A 426 11.52 8.64 26.47
N TYR A 427 11.69 9.90 26.77
CA TYR A 427 10.57 10.85 26.72
C TYR A 427 10.79 11.74 25.52
N PHE A 428 9.79 11.85 24.65
CA PHE A 428 9.92 12.69 23.47
C PHE A 428 8.85 13.74 23.41
N PHE A 429 9.07 14.75 22.58
CA PHE A 429 8.07 15.80 22.38
C PHE A 429 7.79 15.84 20.86
N LEU A 430 6.52 15.77 20.50
CA LEU A 430 6.13 15.83 19.10
C LEU A 430 5.46 17.19 18.88
N PRO A 431 6.14 18.09 18.15
CA PRO A 431 5.56 19.41 17.90
C PRO A 431 4.46 19.33 16.87
N SER A 432 3.73 20.43 16.73
CA SER A 432 2.68 20.51 15.73
C SER A 432 3.45 20.48 14.40
N ILE A 433 2.80 19.99 13.36
CA ILE A 433 3.43 19.93 12.06
C ILE A 433 4.03 21.27 11.63
N SER A 434 3.33 22.36 11.91
CA SER A 434 3.84 23.67 11.51
C SER A 434 5.10 24.03 12.28
N ALA A 435 5.12 23.68 13.56
CA ALA A 435 6.27 23.97 14.41
C ALA A 435 7.54 23.28 13.91
N LEU A 436 7.37 22.11 13.31
CA LEU A 436 8.52 21.36 12.79
C LEU A 436 9.32 22.20 11.81
N THR A 437 8.62 23.04 11.05
CA THR A 437 9.31 23.88 10.08
C THR A 437 9.48 25.30 10.56
N ALA A 438 8.44 25.85 11.17
CA ALA A 438 8.55 27.22 11.64
C ALA A 438 9.51 27.40 12.81
N THR A 439 9.74 26.35 13.59
CA THR A 439 10.62 26.48 14.76
C THR A 439 11.82 25.56 14.79
N ILE A 440 11.62 24.26 14.65
CA ILE A 440 12.76 23.35 14.68
C ILE A 440 13.65 23.59 13.45
N ALA A 441 13.07 23.48 12.26
CA ALA A 441 13.81 23.67 11.02
C ALA A 441 14.17 25.12 10.76
N ALA A 442 13.54 26.04 11.50
CA ALA A 442 13.81 27.46 11.32
C ALA A 442 15.22 27.78 11.76
N THR B 4 12.72 8.18 -5.45
CA THR B 4 11.61 8.71 -4.60
C THR B 4 10.66 7.57 -4.19
N ILE B 5 9.49 7.93 -3.69
CA ILE B 5 8.49 6.93 -3.30
C ILE B 5 7.20 7.19 -4.07
N LEU B 6 6.93 6.39 -5.08
CA LEU B 6 5.70 6.57 -5.87
C LEU B 6 4.47 6.28 -5.00
N PRO B 7 3.51 7.22 -4.95
CA PRO B 7 2.28 7.08 -4.16
C PRO B 7 1.36 5.99 -4.74
N LEU B 8 1.80 4.75 -4.65
CA LEU B 8 1.06 3.60 -5.18
C LEU B 8 -0.41 3.60 -4.84
N ASN B 9 -0.76 4.35 -3.81
CA ASN B 9 -2.13 4.38 -3.37
C ASN B 9 -2.93 5.50 -4.02
N ASN B 10 -2.26 6.29 -4.85
CA ASN B 10 -2.90 7.41 -5.56
C ASN B 10 -2.76 7.29 -7.09
N ILE B 11 -2.14 6.20 -7.55
CA ILE B 11 -1.95 5.95 -8.98
C ILE B 11 -2.99 4.93 -9.45
N GLN B 12 -3.75 5.25 -10.50
CA GLN B 12 -4.74 4.29 -10.99
C GLN B 12 -4.00 3.02 -11.39
N GLY B 13 -4.33 1.94 -10.69
CA GLY B 13 -3.69 0.65 -10.89
C GLY B 13 -3.37 0.08 -12.25
N ASP B 14 -4.24 0.23 -13.22
CA ASP B 14 -3.95 -0.37 -14.51
C ASP B 14 -2.71 0.22 -15.19
N ILE B 15 -2.41 1.48 -14.89
CA ILE B 15 -1.25 2.12 -15.48
C ILE B 15 0.06 1.42 -15.07
N LEU B 16 0.33 1.42 -13.78
CA LEU B 16 1.58 0.85 -13.26
C LEU B 16 1.68 -0.65 -13.08
N VAL B 17 0.60 -1.28 -12.59
CA VAL B 17 0.64 -2.72 -12.34
C VAL B 17 -0.11 -3.55 -13.38
N GLY B 18 -1.27 -3.05 -13.81
CA GLY B 18 -2.05 -3.79 -14.80
C GLY B 18 -3.01 -4.72 -14.07
N MET B 19 -4.29 -4.60 -14.39
CA MET B 19 -5.31 -5.40 -13.76
C MET B 19 -5.11 -6.91 -13.82
N LYS B 20 -4.72 -7.43 -14.97
CA LYS B 20 -4.48 -8.86 -15.10
C LYS B 20 -5.65 -9.79 -14.76
N LYS B 21 -6.87 -9.35 -15.02
CA LYS B 21 -8.06 -10.18 -14.76
C LYS B 21 -8.46 -10.96 -16.02
N GLN B 22 -9.21 -12.05 -15.84
CA GLN B 22 -9.65 -12.87 -16.97
C GLN B 22 -10.54 -12.09 -17.93
N LYS B 23 -11.45 -11.31 -17.36
CA LYS B 23 -12.39 -10.53 -18.13
C LYS B 23 -12.17 -9.05 -17.89
N GLU B 24 -12.53 -8.25 -18.90
CA GLU B 24 -12.40 -6.81 -18.79
C GLU B 24 -13.37 -6.13 -19.75
N ARG B 25 -13.88 -4.98 -19.34
CA ARG B 25 -14.84 -4.23 -20.14
C ARG B 25 -14.50 -2.74 -20.14
N PHE B 26 -14.55 -2.14 -21.32
CA PHE B 26 -14.27 -0.72 -21.47
C PHE B 26 -15.63 -0.06 -21.75
N VAL B 27 -16.09 0.76 -20.82
CA VAL B 27 -17.36 1.39 -21.03
C VAL B 27 -17.14 2.82 -21.51
N PHE B 28 -17.29 3.02 -22.80
CA PHE B 28 -17.12 4.34 -23.40
C PHE B 28 -18.38 5.16 -23.19
N PHE B 29 -18.19 6.39 -22.73
CA PHE B 29 -19.34 7.23 -22.46
C PHE B 29 -19.14 8.69 -22.82
N GLN B 30 -20.24 9.42 -22.84
CA GLN B 30 -20.21 10.85 -23.10
C GLN B 30 -20.96 11.52 -21.96
N VAL B 31 -20.44 12.66 -21.51
CA VAL B 31 -21.02 13.44 -20.43
C VAL B 31 -22.19 14.30 -20.93
N ASN B 32 -23.35 14.17 -20.30
CA ASN B 32 -24.54 14.94 -20.69
C ASN B 32 -24.70 16.17 -19.82
N ASP B 33 -24.27 16.07 -18.56
CA ASP B 33 -24.35 17.20 -17.63
C ASP B 33 -23.15 17.18 -16.70
N ALA B 34 -22.28 18.16 -16.87
CA ALA B 34 -21.06 18.24 -16.06
C ALA B 34 -21.29 18.20 -14.54
N THR B 35 -22.10 19.11 -14.01
CA THR B 35 -22.32 19.11 -12.56
C THR B 35 -22.88 17.79 -12.03
N SER B 36 -23.88 17.23 -12.71
CA SER B 36 -24.44 15.96 -12.28
C SER B 36 -23.26 14.99 -12.23
N PHE B 37 -22.55 14.92 -13.35
CA PHE B 37 -21.42 14.02 -13.47
C PHE B 37 -20.40 14.17 -12.34
N LYS B 38 -20.05 15.41 -12.00
CA LYS B 38 -19.04 15.65 -10.96
C LYS B 38 -19.49 15.19 -9.57
N THR B 39 -20.74 15.48 -9.22
CA THR B 39 -21.27 15.09 -7.92
C THR B 39 -21.21 13.57 -7.77
N ALA B 40 -21.59 12.87 -8.84
CA ALA B 40 -21.57 11.41 -8.83
C ALA B 40 -20.13 10.93 -8.73
N LEU B 41 -19.25 11.60 -9.45
CA LEU B 41 -17.86 11.21 -9.45
C LEU B 41 -17.29 11.27 -8.04
N LYS B 42 -17.59 12.35 -7.31
CA LYS B 42 -17.09 12.52 -5.95
C LYS B 42 -17.38 11.28 -5.11
N THR B 43 -18.55 10.73 -5.34
CA THR B 43 -19.02 9.54 -4.64
C THR B 43 -18.40 8.25 -5.18
N TYR B 44 -18.41 8.12 -6.50
CA TYR B 44 -17.90 6.94 -7.19
C TYR B 44 -16.43 6.61 -6.98
N VAL B 45 -15.57 7.64 -7.03
CA VAL B 45 -14.14 7.43 -6.90
C VAL B 45 -13.64 6.74 -5.63
N PRO B 46 -13.91 7.33 -4.45
CA PRO B 46 -13.47 6.75 -3.19
C PRO B 46 -14.06 5.35 -3.00
N GLU B 47 -15.13 5.11 -3.74
CA GLU B 47 -15.88 3.86 -3.70
C GLU B 47 -15.38 2.76 -4.65
N ARG B 48 -15.05 3.14 -5.90
CA ARG B 48 -14.65 2.14 -6.90
C ARG B 48 -13.29 2.19 -7.63
N ILE B 49 -12.59 3.32 -7.62
CA ILE B 49 -11.31 3.39 -8.32
C ILE B 49 -10.19 2.62 -7.61
N THR B 50 -9.66 1.61 -8.29
CA THR B 50 -8.59 0.76 -7.76
C THR B 50 -7.20 1.37 -7.92
N SER B 51 -6.45 1.48 -6.82
CA SER B 51 -5.11 2.04 -6.90
C SER B 51 -4.14 0.92 -7.22
N ALA B 52 -2.90 1.27 -7.50
CA ALA B 52 -1.88 0.27 -7.78
C ALA B 52 -1.69 -0.51 -6.48
N ALA B 53 -1.87 0.21 -5.37
CA ALA B 53 -1.74 -0.37 -4.04
C ALA B 53 -2.68 -1.58 -3.91
N ILE B 54 -3.97 -1.35 -4.15
CA ILE B 54 -4.93 -2.44 -4.05
C ILE B 54 -4.49 -3.61 -4.92
N LEU B 55 -3.98 -3.32 -6.12
CA LEU B 55 -3.55 -4.38 -7.02
C LEU B 55 -2.45 -5.27 -6.47
N ILE B 56 -1.46 -4.68 -5.82
CA ILE B 56 -0.37 -5.49 -5.29
C ILE B 56 -0.76 -6.10 -3.93
N SER B 57 -1.69 -5.47 -3.23
CA SER B 57 -2.12 -5.97 -1.92
C SER B 57 -2.74 -7.37 -2.04
N ASP B 58 -2.84 -8.04 -0.88
CA ASP B 58 -3.36 -9.40 -0.77
C ASP B 58 -4.79 -9.56 -1.30
N PRO B 59 -5.00 -10.54 -2.20
CA PRO B 59 -6.29 -10.85 -2.83
C PRO B 59 -7.53 -10.70 -1.94
N SER B 60 -7.37 -10.88 -0.64
CA SER B 60 -8.48 -10.77 0.30
C SER B 60 -8.92 -9.33 0.52
N GLN B 61 -8.07 -8.38 0.12
CA GLN B 61 -8.36 -6.96 0.30
C GLN B 61 -8.86 -6.30 -0.99
N GLN B 62 -9.07 -7.12 -2.02
CA GLN B 62 -9.49 -6.60 -3.32
C GLN B 62 -10.97 -6.81 -3.60
N PRO B 63 -11.61 -5.86 -4.30
CA PRO B 63 -13.04 -5.99 -4.61
C PRO B 63 -13.22 -7.06 -5.67
N LEU B 64 -14.48 -7.36 -5.98
CA LEU B 64 -14.80 -8.35 -6.99
C LEU B 64 -14.31 -7.89 -8.35
N ALA B 65 -14.23 -6.57 -8.53
CA ALA B 65 -13.77 -5.99 -9.78
C ALA B 65 -13.03 -4.67 -9.56
N PHE B 66 -12.04 -4.43 -10.41
CA PHE B 66 -11.26 -3.20 -10.34
C PHE B 66 -11.78 -2.22 -11.37
N VAL B 67 -11.69 -0.94 -11.05
CA VAL B 67 -12.15 0.08 -11.97
C VAL B 67 -11.19 1.26 -12.11
N ASN B 68 -10.92 1.64 -13.36
CA ASN B 68 -10.06 2.77 -13.66
C ASN B 68 -10.87 3.70 -14.56
N LEU B 69 -10.48 4.97 -14.60
CA LEU B 69 -11.21 5.95 -15.39
C LEU B 69 -10.29 6.88 -16.14
N GLY B 70 -10.56 7.05 -17.44
CA GLY B 70 -9.75 7.92 -18.27
C GLY B 70 -10.63 8.88 -19.08
N PHE B 71 -10.15 10.09 -19.33
CA PHE B 71 -10.92 11.05 -20.09
C PHE B 71 -10.26 11.41 -21.39
N SER B 72 -11.08 11.75 -22.37
CA SER B 72 -10.57 12.18 -23.65
C SER B 72 -10.56 13.70 -23.61
N ASN B 73 -9.93 14.32 -24.59
CA ASN B 73 -9.88 15.78 -24.62
C ASN B 73 -11.28 16.36 -24.58
N THR B 74 -12.15 15.96 -25.51
CA THR B 74 -13.49 16.53 -25.50
C THR B 74 -14.18 16.29 -24.15
N GLY B 75 -13.81 15.19 -23.49
CA GLY B 75 -14.36 14.87 -22.19
C GLY B 75 -13.99 15.94 -21.18
N LEU B 76 -12.70 16.24 -21.06
CA LEU B 76 -12.26 17.27 -20.13
C LEU B 76 -12.89 18.63 -20.49
N GLN B 77 -13.11 18.86 -21.78
CA GLN B 77 -13.71 20.12 -22.22
C GLN B 77 -15.09 20.15 -21.59
N ALA B 78 -15.85 19.08 -21.84
CA ALA B 78 -17.20 18.94 -21.33
C ALA B 78 -17.28 19.16 -19.82
N LEU B 79 -16.20 18.83 -19.11
CA LEU B 79 -16.20 19.01 -17.67
C LEU B 79 -15.55 20.32 -17.25
N GLY B 80 -15.24 21.17 -18.23
CA GLY B 80 -14.63 22.44 -17.91
C GLY B 80 -13.17 22.43 -17.56
N ILE B 81 -12.47 21.30 -17.76
CA ILE B 81 -11.04 21.28 -17.46
C ILE B 81 -10.31 21.66 -18.75
N THR B 82 -10.09 22.96 -18.92
CA THR B 82 -9.44 23.54 -20.10
C THR B 82 -7.90 23.54 -20.09
N ASP B 83 -7.29 23.20 -18.96
CA ASP B 83 -5.83 23.16 -18.88
C ASP B 83 -5.18 22.43 -20.05
N ASP B 84 -3.91 22.69 -20.27
CA ASP B 84 -3.14 22.06 -21.34
C ASP B 84 -2.32 20.96 -20.69
N LEU B 85 -2.64 19.71 -21.00
CA LEU B 85 -1.90 18.61 -20.39
C LEU B 85 -0.47 18.46 -20.86
N GLY B 86 -0.14 19.04 -22.01
CA GLY B 86 1.22 18.98 -22.52
C GLY B 86 1.57 17.87 -23.51
N ASP B 87 0.56 17.26 -24.12
CA ASP B 87 0.80 16.20 -25.09
C ASP B 87 0.35 16.67 -26.46
N ALA B 88 1.19 16.44 -27.47
CA ALA B 88 0.90 16.87 -28.83
C ALA B 88 -0.28 16.16 -29.52
N GLN B 89 -0.47 14.88 -29.24
CA GLN B 89 -1.57 14.15 -29.88
C GLN B 89 -2.91 14.11 -29.14
N PHE B 90 -2.87 14.09 -27.81
CA PHE B 90 -4.07 14.00 -26.99
C PHE B 90 -5.20 14.97 -27.37
N PRO B 91 -4.88 16.26 -27.49
CA PRO B 91 -5.92 17.22 -27.85
C PRO B 91 -6.84 16.89 -29.03
N ASP B 92 -6.28 16.45 -30.15
CA ASP B 92 -7.11 16.15 -31.33
C ASP B 92 -7.82 14.81 -31.37
N GLY B 93 -7.43 13.88 -30.49
CA GLY B 93 -8.07 12.58 -30.53
C GLY B 93 -7.34 11.68 -31.50
N GLN B 94 -7.57 10.38 -31.36
CA GLN B 94 -6.88 9.42 -32.20
C GLN B 94 -7.41 9.39 -33.61
N PHE B 95 -8.71 9.56 -33.79
CA PHE B 95 -9.25 9.52 -35.14
C PHE B 95 -8.47 10.47 -36.05
N ALA B 96 -8.32 11.72 -35.62
CA ALA B 96 -7.58 12.69 -36.41
C ALA B 96 -6.11 12.32 -36.51
N ASP B 97 -5.71 11.24 -35.84
CA ASP B 97 -4.32 10.82 -35.91
C ASP B 97 -4.19 9.50 -36.66
N ALA B 98 -5.33 8.88 -36.96
CA ALA B 98 -5.35 7.58 -37.63
C ALA B 98 -4.47 7.50 -38.87
N ALA B 99 -4.58 8.50 -39.75
CA ALA B 99 -3.78 8.55 -40.97
C ALA B 99 -2.31 8.49 -40.64
N ASN B 100 -1.87 9.28 -39.68
CA ASN B 100 -0.47 9.28 -39.28
C ASN B 100 -0.01 7.93 -38.78
N LEU B 101 -0.94 7.06 -38.42
CA LEU B 101 -0.57 5.75 -37.90
C LEU B 101 -0.51 4.72 -39.02
N GLY B 102 -1.06 5.10 -40.17
CA GLY B 102 -1.07 4.20 -41.32
C GLY B 102 -2.38 3.49 -41.44
N ASP B 103 -3.32 3.83 -40.58
CA ASP B 103 -4.64 3.22 -40.58
C ASP B 103 -5.40 3.34 -41.89
N ASP B 104 -6.20 2.31 -42.17
CA ASP B 104 -7.06 2.34 -43.34
C ASP B 104 -8.33 2.87 -42.68
N LEU B 105 -8.59 4.17 -42.79
CA LEU B 105 -9.76 4.74 -42.14
C LEU B 105 -11.12 4.18 -42.48
N SER B 106 -11.28 3.52 -43.62
CA SER B 106 -12.60 2.98 -43.95
C SER B 106 -12.98 1.85 -43.01
N GLN B 107 -12.01 1.37 -42.24
CA GLN B 107 -12.27 0.28 -41.31
C GLN B 107 -12.78 0.72 -39.93
N TRP B 108 -12.54 1.98 -39.56
CA TRP B 108 -13.01 2.48 -38.27
C TRP B 108 -14.53 2.48 -38.26
N VAL B 109 -15.13 2.35 -37.08
CA VAL B 109 -16.58 2.35 -36.95
C VAL B 109 -17.02 3.22 -35.79
N ALA B 110 -18.31 3.53 -35.73
CA ALA B 110 -18.79 4.35 -34.64
C ALA B 110 -18.59 3.56 -33.36
N PRO B 111 -18.44 4.24 -32.22
CA PRO B 111 -18.47 5.70 -32.09
C PRO B 111 -17.07 6.32 -31.95
N PHE B 112 -16.07 5.74 -32.60
CA PHE B 112 -14.71 6.28 -32.50
C PHE B 112 -14.36 7.20 -33.67
N THR B 113 -15.21 7.22 -34.69
CA THR B 113 -14.97 8.03 -35.86
C THR B 113 -15.29 9.49 -35.59
N GLY B 114 -14.62 10.05 -34.58
CA GLY B 114 -14.84 11.43 -34.21
C GLY B 114 -14.28 11.70 -32.82
N THR B 115 -14.95 12.56 -32.06
CA THR B 115 -14.52 12.87 -30.70
C THR B 115 -15.71 12.98 -29.74
N THR B 116 -16.72 12.16 -29.98
CA THR B 116 -17.90 12.14 -29.14
C THR B 116 -17.63 11.42 -27.83
N ILE B 117 -16.67 10.50 -27.84
CA ILE B 117 -16.31 9.77 -26.63
C ILE B 117 -15.67 10.76 -25.64
N HIS B 118 -16.19 10.83 -24.42
CA HIS B 118 -15.63 11.74 -23.44
C HIS B 118 -14.69 11.07 -22.46
N GLY B 119 -14.88 9.77 -22.31
CA GLY B 119 -14.01 9.04 -21.40
C GLY B 119 -14.29 7.57 -21.44
N VAL B 120 -13.62 6.82 -20.57
CA VAL B 120 -13.82 5.39 -20.53
C VAL B 120 -13.61 4.79 -19.14
N PHE B 121 -14.49 3.88 -18.76
CA PHE B 121 -14.37 3.18 -17.49
C PHE B 121 -13.74 1.83 -17.83
N LEU B 122 -12.62 1.47 -17.21
CA LEU B 122 -12.00 0.16 -17.45
C LEU B 122 -12.43 -0.70 -16.27
N ILE B 123 -13.02 -1.86 -16.55
CA ILE B 123 -13.47 -2.74 -15.48
C ILE B 123 -12.86 -4.12 -15.56
N GLY B 124 -12.08 -4.47 -14.55
CA GLY B 124 -11.44 -5.77 -14.51
C GLY B 124 -12.03 -6.68 -13.45
N SER B 125 -12.25 -7.94 -13.81
CA SER B 125 -12.82 -8.93 -12.90
C SER B 125 -12.59 -10.32 -13.46
N ASP B 126 -12.87 -11.35 -12.67
CA ASP B 126 -12.64 -12.71 -13.14
C ASP B 126 -13.85 -13.36 -13.82
N GLN B 127 -14.98 -12.70 -13.78
CA GLN B 127 -16.17 -13.23 -14.44
C GLN B 127 -17.09 -12.13 -14.96
N ASP B 128 -17.69 -12.39 -16.12
CA ASP B 128 -18.58 -11.42 -16.77
C ASP B 128 -19.72 -10.93 -15.89
N ASP B 129 -20.07 -11.70 -14.87
CA ASP B 129 -21.15 -11.32 -13.97
C ASP B 129 -20.81 -10.05 -13.21
N PHE B 130 -19.61 -10.02 -12.64
CA PHE B 130 -19.17 -8.84 -11.90
C PHE B 130 -18.97 -7.70 -12.88
N LEU B 131 -18.61 -8.06 -14.09
CA LEU B 131 -18.41 -7.07 -15.12
C LEU B 131 -19.77 -6.40 -15.28
N ASP B 132 -20.83 -7.21 -15.32
CA ASP B 132 -22.19 -6.70 -15.46
C ASP B 132 -22.65 -5.90 -14.26
N GLN B 133 -22.34 -6.38 -13.06
CA GLN B 133 -22.73 -5.69 -11.84
C GLN B 133 -22.12 -4.30 -11.77
N PHE B 134 -20.80 -4.21 -11.94
CA PHE B 134 -20.14 -2.92 -11.87
C PHE B 134 -20.59 -1.98 -12.98
N THR B 135 -20.87 -2.52 -14.15
CA THR B 135 -21.34 -1.67 -15.23
C THR B 135 -22.65 -1.04 -14.73
N ASP B 136 -23.54 -1.88 -14.22
CA ASP B 136 -24.80 -1.38 -13.70
C ASP B 136 -24.60 -0.37 -12.58
N ASP B 137 -23.61 -0.61 -11.73
CA ASP B 137 -23.30 0.30 -10.62
C ASP B 137 -23.02 1.70 -11.21
N ILE B 138 -22.27 1.70 -12.31
CA ILE B 138 -21.93 2.94 -13.00
C ILE B 138 -23.23 3.60 -13.46
N SER B 139 -24.09 2.85 -14.16
CA SER B 139 -25.37 3.39 -14.65
C SER B 139 -26.15 4.00 -13.49
N SER B 140 -26.34 3.21 -12.44
CA SER B 140 -27.07 3.68 -11.28
C SER B 140 -26.45 4.93 -10.67
N THR B 141 -25.16 4.88 -10.40
CA THR B 141 -24.45 6.01 -9.81
C THR B 141 -24.45 7.28 -10.65
N PHE B 142 -24.10 7.16 -11.93
CA PHE B 142 -24.04 8.32 -12.81
C PHE B 142 -25.35 8.69 -13.47
N GLY B 143 -26.32 7.79 -13.40
CA GLY B 143 -27.61 8.07 -13.99
C GLY B 143 -27.49 8.64 -15.40
N SER B 144 -28.18 9.75 -15.62
CA SER B 144 -28.18 10.38 -16.93
C SER B 144 -27.10 11.44 -17.09
N SER B 145 -26.27 11.65 -16.09
CA SER B 145 -25.22 12.66 -16.23
C SER B 145 -24.30 12.22 -17.38
N ILE B 146 -24.40 10.95 -17.74
CA ILE B 146 -23.61 10.39 -18.82
C ILE B 146 -24.49 9.53 -19.73
N THR B 147 -23.91 9.07 -20.82
CA THR B 147 -24.57 8.20 -21.79
C THR B 147 -23.51 7.23 -22.27
N GLN B 148 -23.78 5.94 -22.15
CA GLN B 148 -22.80 4.95 -22.59
C GLN B 148 -23.01 4.70 -24.06
N VAL B 149 -22.09 5.19 -24.87
CA VAL B 149 -22.21 5.03 -26.31
C VAL B 149 -21.79 3.63 -26.73
N GLN B 150 -20.96 2.99 -25.92
CA GLN B 150 -20.53 1.64 -26.25
C GLN B 150 -19.63 1.03 -25.20
N ALA B 151 -19.60 -0.30 -25.19
CA ALA B 151 -18.78 -1.05 -24.25
C ALA B 151 -18.11 -2.19 -24.99
N LEU B 152 -16.79 -2.27 -24.88
CA LEU B 152 -16.06 -3.34 -25.52
C LEU B 152 -15.59 -4.25 -24.39
N SER B 153 -15.90 -5.52 -24.52
CA SER B 153 -15.54 -6.50 -23.51
C SER B 153 -14.65 -7.58 -24.08
N GLY B 154 -13.61 -7.92 -23.33
CA GLY B 154 -12.69 -8.94 -23.77
C GLY B 154 -12.56 -10.01 -22.71
N SER B 155 -11.88 -11.10 -23.07
CA SER B 155 -11.69 -12.19 -22.14
C SER B 155 -10.52 -13.08 -22.54
N ALA B 156 -9.76 -13.51 -21.54
CA ALA B 156 -8.62 -14.39 -21.74
C ALA B 156 -9.09 -15.62 -22.49
N ARG B 157 -8.23 -16.16 -23.34
CA ARG B 157 -8.61 -17.33 -24.11
C ARG B 157 -8.63 -18.64 -23.30
N PRO B 158 -9.32 -19.67 -23.83
CA PRO B 158 -9.51 -21.02 -23.26
C PRO B 158 -8.27 -21.83 -22.89
N GLY B 159 -8.42 -22.63 -21.82
CA GLY B 159 -7.38 -23.52 -21.34
C GLY B 159 -5.92 -23.12 -21.43
N ASP B 160 -5.12 -23.97 -22.09
CA ASP B 160 -3.70 -23.71 -22.22
C ASP B 160 -3.39 -22.52 -23.12
N GLN B 161 -4.42 -21.82 -23.58
CA GLN B 161 -4.21 -20.64 -24.41
C GLN B 161 -4.37 -19.35 -23.61
N ALA B 162 -4.91 -19.45 -22.39
CA ALA B 162 -5.09 -18.27 -21.55
C ALA B 162 -3.78 -17.49 -21.54
N GLY B 163 -3.87 -16.18 -21.78
CA GLY B 163 -2.68 -15.35 -21.79
C GLY B 163 -2.10 -15.21 -23.18
N HIS B 164 -2.73 -15.90 -24.14
CA HIS B 164 -2.28 -15.87 -25.53
C HIS B 164 -3.25 -15.02 -26.36
N GLU B 165 -2.71 -14.17 -27.24
CA GLU B 165 -3.61 -13.39 -28.08
C GLU B 165 -4.12 -14.35 -29.17
N HIS B 166 -5.19 -13.97 -29.86
CA HIS B 166 -5.80 -14.83 -30.87
C HIS B 166 -4.98 -15.42 -32.00
N PHE B 167 -3.75 -14.96 -32.22
CA PHE B 167 -2.94 -15.59 -33.26
C PHE B 167 -2.25 -16.80 -32.62
N GLY B 168 -2.34 -16.87 -31.29
CA GLY B 168 -1.77 -18.00 -30.57
C GLY B 168 -0.51 -17.77 -29.75
N PHE B 169 -0.01 -16.53 -29.77
CA PHE B 169 1.21 -16.21 -29.04
C PHE B 169 0.95 -15.67 -27.64
N LEU B 170 1.73 -16.20 -26.69
CA LEU B 170 1.64 -15.78 -25.30
C LEU B 170 1.95 -14.30 -25.28
N ASP B 171 1.05 -13.49 -24.75
CA ASP B 171 1.29 -12.05 -24.74
C ASP B 171 1.35 -11.39 -23.36
N GLY B 172 2.37 -10.56 -23.17
CA GLY B 172 2.52 -9.86 -21.91
C GLY B 172 3.80 -10.24 -21.19
N ILE B 173 4.82 -10.58 -21.98
CA ILE B 173 6.09 -11.00 -21.40
C ILE B 173 6.95 -9.82 -21.05
N SER B 174 7.37 -9.07 -22.06
CA SER B 174 8.25 -7.92 -21.87
C SER B 174 7.53 -6.59 -21.60
N GLN B 175 7.83 -6.00 -20.45
CA GLN B 175 7.24 -4.73 -20.01
C GLN B 175 8.32 -3.92 -19.30
N PRO B 176 8.31 -2.59 -19.45
CA PRO B 176 9.36 -1.87 -18.76
C PRO B 176 9.12 -1.91 -17.26
N SER B 177 10.13 -1.54 -16.49
CA SER B 177 10.03 -1.51 -15.04
C SER B 177 10.46 -0.13 -14.57
N VAL B 178 9.58 0.57 -13.86
CA VAL B 178 9.91 1.89 -13.38
C VAL B 178 10.48 1.84 -11.97
N THR B 179 11.24 2.87 -11.61
CA THR B 179 11.84 2.96 -10.29
C THR B 179 10.91 3.74 -9.37
N GLY B 180 11.02 3.50 -8.06
CA GLY B 180 10.19 4.23 -7.12
C GLY B 180 9.14 3.41 -6.38
N TRP B 181 9.24 2.09 -6.46
CA TRP B 181 8.29 1.21 -5.78
C TRP B 181 8.85 -0.22 -5.72
N GLU B 182 8.29 -1.04 -4.84
CA GLU B 182 8.72 -2.43 -4.64
C GLU B 182 9.20 -3.12 -5.91
N THR B 183 8.31 -3.91 -6.53
CA THR B 183 8.60 -4.64 -7.79
C THR B 183 9.91 -5.43 -7.88
N THR B 184 9.91 -6.47 -8.72
CA THR B 184 11.11 -7.30 -8.91
C THR B 184 11.48 -7.37 -10.41
N VAL B 185 12.64 -6.79 -10.74
CA VAL B 185 13.12 -6.77 -12.12
C VAL B 185 13.65 -8.11 -12.65
N PHE B 186 13.17 -8.51 -13.83
CA PHE B 186 13.59 -9.76 -14.45
C PHE B 186 14.83 -9.54 -15.32
N PRO B 187 15.63 -10.60 -15.52
CA PRO B 187 16.84 -10.50 -16.35
C PRO B 187 16.48 -10.14 -17.79
N GLY B 188 17.02 -9.03 -18.28
CA GLY B 188 16.72 -8.63 -19.63
C GLY B 188 15.62 -7.57 -19.70
N GLN B 189 14.92 -7.40 -18.60
CA GLN B 189 13.85 -6.41 -18.53
C GLN B 189 14.45 -5.01 -18.43
N ALA B 190 13.75 -4.01 -18.94
CA ALA B 190 14.28 -2.65 -18.88
C ALA B 190 13.84 -1.94 -17.61
N VAL B 191 14.71 -1.07 -17.11
CA VAL B 191 14.43 -0.28 -15.93
C VAL B 191 14.50 1.17 -16.40
N VAL B 192 13.41 1.90 -16.22
CA VAL B 192 13.36 3.29 -16.66
C VAL B 192 12.80 4.18 -15.57
N PRO B 193 13.00 5.50 -15.68
CA PRO B 193 12.46 6.37 -14.65
C PRO B 193 10.96 6.45 -14.76
N PRO B 194 10.26 6.64 -13.63
CA PRO B 194 8.80 6.73 -13.62
C PRO B 194 8.22 7.80 -14.54
N GLY B 195 9.01 8.81 -14.88
CA GLY B 195 8.53 9.85 -15.76
C GLY B 195 8.18 9.36 -17.15
N ILE B 196 8.75 8.23 -17.55
CA ILE B 196 8.46 7.67 -18.86
C ILE B 196 7.03 7.14 -18.96
N ILE B 197 6.45 6.79 -17.81
CA ILE B 197 5.09 6.27 -17.78
C ILE B 197 4.12 7.22 -17.06
N LEU B 198 4.61 7.92 -16.05
CA LEU B 198 3.78 8.82 -15.26
C LEU B 198 4.07 10.29 -15.48
N THR B 199 3.05 11.04 -15.90
CA THR B 199 3.22 12.45 -16.14
C THR B 199 3.63 13.12 -14.85
N GLY B 200 4.63 14.00 -14.94
CA GLY B 200 5.08 14.73 -13.77
C GLY B 200 6.29 14.17 -13.06
N ARG B 201 6.54 12.88 -13.20
CA ARG B 201 7.68 12.26 -12.54
C ARG B 201 8.99 12.45 -13.30
N ASP B 202 10.10 12.05 -12.70
CA ASP B 202 11.40 12.21 -13.32
C ASP B 202 11.53 11.41 -14.61
N GLY B 203 11.80 12.12 -15.69
CA GLY B 203 11.95 11.47 -16.98
C GLY B 203 10.93 11.99 -17.95
N ASP B 204 9.84 12.55 -17.44
CA ASP B 204 8.81 13.08 -18.30
C ASP B 204 9.21 14.49 -18.70
N THR B 205 9.63 14.65 -19.95
CA THR B 205 10.07 15.93 -20.47
C THR B 205 8.94 16.88 -20.81
N GLY B 206 7.69 16.42 -20.70
CA GLY B 206 6.59 17.30 -21.03
C GLY B 206 6.30 18.33 -19.95
N THR B 207 5.54 19.37 -20.32
CA THR B 207 5.17 20.43 -19.38
C THR B 207 3.73 20.18 -18.96
N ARG B 208 3.57 19.70 -17.74
CA ARG B 208 2.25 19.37 -17.24
C ARG B 208 1.71 20.29 -16.15
N PRO B 209 0.38 20.37 -16.01
CA PRO B 209 -0.18 21.22 -14.97
C PRO B 209 0.17 20.49 -13.66
N SER B 210 0.05 21.15 -12.53
CA SER B 210 0.38 20.49 -11.27
C SER B 210 -0.51 19.27 -10.98
N TRP B 211 -1.80 19.36 -11.30
CA TRP B 211 -2.70 18.25 -11.05
C TRP B 211 -2.52 17.03 -11.96
N ALA B 212 -1.69 17.14 -12.99
CA ALA B 212 -1.50 16.01 -13.90
C ALA B 212 -0.52 14.99 -13.33
N LEU B 213 0.10 15.35 -12.22
CA LEU B 213 1.06 14.46 -11.59
C LEU B 213 0.49 13.06 -11.35
N ASP B 214 1.34 12.07 -11.63
CA ASP B 214 0.96 10.67 -11.46
C ASP B 214 -0.17 10.18 -12.34
N GLY B 215 -0.45 10.92 -13.41
CA GLY B 215 -1.48 10.47 -14.33
C GLY B 215 -0.75 9.76 -15.46
N SER B 216 -1.50 9.38 -16.48
CA SER B 216 -0.86 8.73 -17.60
C SER B 216 -1.76 8.81 -18.83
N PHE B 217 -1.15 8.66 -20.00
CA PHE B 217 -1.91 8.70 -21.24
C PHE B 217 -2.04 7.30 -21.78
N MET B 218 -3.28 6.96 -22.11
CA MET B 218 -3.58 5.66 -22.66
C MET B 218 -3.84 5.76 -24.14
N ALA B 219 -3.17 4.90 -24.89
CA ALA B 219 -3.38 4.83 -26.31
C ALA B 219 -4.24 3.58 -26.41
N PHE B 220 -5.54 3.76 -26.63
CA PHE B 220 -6.45 2.64 -26.76
C PHE B 220 -6.68 2.28 -28.22
N ARG B 221 -6.58 0.99 -28.54
CA ARG B 221 -6.84 0.55 -29.89
C ARG B 221 -7.64 -0.73 -29.99
N HIS B 222 -8.69 -0.68 -30.80
CA HIS B 222 -9.57 -1.81 -31.02
C HIS B 222 -9.16 -2.52 -32.30
N PHE B 223 -8.37 -3.56 -32.15
CA PHE B 223 -7.90 -4.34 -33.28
C PHE B 223 -8.77 -5.58 -33.50
N GLN B 224 -9.04 -5.88 -34.76
CA GLN B 224 -9.80 -7.05 -35.12
C GLN B 224 -8.84 -7.90 -35.92
N GLN B 225 -8.51 -9.08 -35.40
CA GLN B 225 -7.57 -9.96 -36.08
C GLN B 225 -8.25 -10.96 -37.01
N LYS B 226 -7.52 -11.36 -38.04
CA LYS B 226 -8.02 -12.31 -39.02
C LYS B 226 -7.16 -13.56 -38.91
N VAL B 227 -7.47 -14.39 -37.92
CA VAL B 227 -6.71 -15.59 -37.64
C VAL B 227 -6.66 -16.65 -38.76
N PRO B 228 -7.82 -17.06 -39.29
CA PRO B 228 -7.79 -18.05 -40.36
C PRO B 228 -6.82 -17.61 -41.45
N GLU B 229 -7.04 -16.42 -41.98
CA GLU B 229 -6.20 -15.85 -43.04
C GLU B 229 -4.73 -15.92 -42.67
N PHE B 230 -4.39 -15.34 -41.51
CA PHE B 230 -3.03 -15.35 -41.00
C PHE B 230 -2.43 -16.76 -41.09
N ASN B 231 -3.12 -17.74 -40.52
CA ASN B 231 -2.66 -19.13 -40.54
C ASN B 231 -2.46 -19.63 -41.96
N ALA B 232 -3.51 -19.55 -42.76
CA ALA B 232 -3.45 -19.98 -44.15
C ALA B 232 -2.20 -19.40 -44.82
N TYR B 233 -1.91 -18.13 -44.53
CA TYR B 233 -0.74 -17.46 -45.12
C TYR B 233 0.58 -18.06 -44.65
N THR B 234 0.68 -18.34 -43.35
CA THR B 234 1.92 -18.90 -42.81
C THR B 234 2.16 -20.30 -43.35
N LEU B 235 1.07 -20.99 -43.66
CA LEU B 235 1.16 -22.35 -44.15
C LEU B 235 1.60 -22.36 -45.62
N ALA B 236 1.08 -21.41 -46.39
CA ALA B 236 1.38 -21.32 -47.81
C ALA B 236 2.75 -20.70 -48.05
N ASN B 237 3.37 -20.22 -46.99
CA ASN B 237 4.68 -19.60 -47.11
C ASN B 237 5.64 -20.24 -46.14
N ALA B 238 5.24 -21.39 -45.60
CA ALA B 238 6.05 -22.13 -44.64
C ALA B 238 7.53 -22.14 -45.04
N ILE B 239 8.39 -21.83 -44.08
CA ILE B 239 9.82 -21.80 -44.34
C ILE B 239 10.31 -23.24 -44.46
N PRO B 240 11.02 -23.55 -45.56
CA PRO B 240 11.55 -24.88 -45.83
C PRO B 240 12.39 -25.45 -44.68
N ALA B 241 13.49 -24.79 -44.36
CA ALA B 241 14.35 -25.28 -43.28
C ALA B 241 15.24 -24.20 -42.70
N ASN B 242 15.84 -24.51 -41.56
CA ASN B 242 16.75 -23.61 -40.87
C ASN B 242 17.98 -24.43 -40.46
N SER B 243 18.81 -23.89 -39.58
CA SER B 243 20.01 -24.60 -39.12
C SER B 243 19.74 -26.05 -38.72
N ALA B 244 18.81 -26.24 -37.78
CA ALA B 244 18.47 -27.58 -37.30
C ALA B 244 17.94 -28.54 -38.38
N GLY B 245 17.87 -28.10 -39.63
CA GLY B 245 17.41 -28.97 -40.70
C GLY B 245 16.07 -28.66 -41.33
N ASN B 246 15.67 -29.52 -42.27
CA ASN B 246 14.40 -29.39 -43.00
C ASN B 246 13.20 -29.28 -42.05
N LEU B 247 12.14 -28.64 -42.52
CA LEU B 247 10.92 -28.45 -41.73
C LEU B 247 9.71 -28.83 -42.56
N THR B 248 8.80 -29.59 -41.96
CA THR B 248 7.58 -30.00 -42.66
C THR B 248 6.81 -28.70 -42.88
N GLN B 249 5.82 -28.75 -43.76
CA GLN B 249 5.02 -27.57 -44.05
C GLN B 249 4.39 -27.03 -42.76
N GLN B 250 4.03 -27.92 -41.85
CA GLN B 250 3.45 -27.52 -40.59
C GLN B 250 4.46 -26.76 -39.73
N GLU B 251 5.69 -27.25 -39.71
CA GLU B 251 6.75 -26.62 -38.93
C GLU B 251 7.27 -25.36 -39.61
N GLY B 252 7.19 -25.35 -40.93
CA GLY B 252 7.64 -24.18 -41.66
C GLY B 252 6.72 -23.02 -41.30
N ALA B 253 5.41 -23.32 -41.26
CA ALA B 253 4.41 -22.33 -40.94
C ALA B 253 4.62 -21.83 -39.52
N GLU B 254 4.60 -22.75 -38.54
CA GLU B 254 4.80 -22.34 -37.15
C GLU B 254 6.07 -21.49 -37.02
N PHE B 255 7.12 -21.90 -37.74
CA PHE B 255 8.40 -21.20 -37.71
C PHE B 255 8.30 -19.80 -38.34
N LEU B 256 7.56 -19.70 -39.43
CA LEU B 256 7.39 -18.41 -40.10
C LEU B 256 6.71 -17.43 -39.14
N GLY B 257 5.67 -17.90 -38.47
CA GLY B 257 4.98 -17.04 -37.53
C GLY B 257 5.91 -16.58 -36.43
N ALA B 258 6.75 -17.48 -35.94
CA ALA B 258 7.70 -17.15 -34.87
C ALA B 258 8.65 -16.07 -35.37
N ARG B 259 9.11 -16.23 -36.60
CA ARG B 259 10.02 -15.27 -37.20
C ARG B 259 9.37 -13.89 -37.30
N MET B 260 8.07 -13.87 -37.58
CA MET B 260 7.33 -12.63 -37.71
C MET B 260 7.21 -11.86 -36.40
N PHE B 261 6.83 -12.56 -35.33
CA PHE B 261 6.68 -11.93 -34.01
C PHE B 261 8.01 -11.75 -33.27
N GLY B 262 8.91 -12.71 -33.45
CA GLY B 262 10.18 -12.64 -32.77
C GLY B 262 10.13 -13.56 -31.56
N ARG B 263 9.04 -14.30 -31.42
CA ARG B 263 8.86 -15.23 -30.33
C ARG B 263 8.02 -16.41 -30.80
N TRP B 264 8.17 -17.55 -30.13
CA TRP B 264 7.37 -18.71 -30.47
C TRP B 264 6.08 -18.47 -29.70
N LYS B 265 5.00 -19.13 -30.08
CA LYS B 265 3.74 -18.93 -29.37
C LYS B 265 3.88 -19.18 -27.86
N SER B 266 4.90 -19.95 -27.48
CA SER B 266 5.14 -20.27 -26.08
C SER B 266 5.70 -19.09 -25.29
N GLY B 267 6.26 -18.12 -26.01
CA GLY B 267 6.86 -16.97 -25.35
C GLY B 267 8.36 -17.08 -25.48
N ALA B 268 8.81 -18.22 -26.01
CA ALA B 268 10.23 -18.46 -26.21
C ALA B 268 10.75 -17.52 -27.27
N PRO B 269 11.58 -16.55 -26.88
CA PRO B 269 12.16 -15.57 -27.81
C PRO B 269 13.09 -16.26 -28.80
N ILE B 270 12.90 -16.01 -30.09
CA ILE B 270 13.74 -16.65 -31.09
C ILE B 270 15.22 -16.27 -31.00
N ASP B 271 15.55 -15.23 -30.24
CA ASP B 271 16.95 -14.83 -30.12
C ASP B 271 17.62 -15.78 -29.12
N LEU B 272 16.82 -16.66 -28.54
CA LEU B 272 17.32 -17.64 -27.59
C LEU B 272 17.02 -19.05 -28.11
N ALA B 273 16.00 -19.17 -28.96
CA ALA B 273 15.62 -20.46 -29.54
C ALA B 273 15.38 -20.23 -31.04
N PRO B 274 16.42 -19.85 -31.76
CA PRO B 274 16.39 -19.58 -33.21
C PRO B 274 16.01 -20.68 -34.19
N THR B 275 15.96 -21.93 -33.77
CA THR B 275 15.59 -22.98 -34.73
C THR B 275 14.40 -23.84 -34.34
N ALA B 276 14.13 -23.89 -33.04
CA ALA B 276 13.00 -24.67 -32.54
C ALA B 276 12.51 -24.13 -31.20
N ASP B 277 11.20 -24.14 -31.03
CA ASP B 277 10.57 -23.65 -29.80
C ASP B 277 11.20 -24.29 -28.56
N ASP B 278 11.17 -23.56 -27.46
CA ASP B 278 11.70 -24.02 -26.17
C ASP B 278 10.66 -23.68 -25.10
N PRO B 279 9.57 -24.44 -25.06
CA PRO B 279 8.46 -24.26 -24.11
C PRO B 279 8.84 -23.87 -22.69
N ALA B 280 9.62 -24.74 -22.03
CA ALA B 280 10.06 -24.48 -20.67
C ALA B 280 10.63 -23.08 -20.53
N LEU B 281 11.40 -22.67 -21.52
CA LEU B 281 12.03 -21.35 -21.53
C LEU B 281 11.00 -20.24 -21.57
N GLY B 282 10.12 -20.29 -22.56
CA GLY B 282 9.09 -19.27 -22.72
C GLY B 282 8.26 -19.06 -21.47
N ALA B 283 8.02 -20.14 -20.74
CA ALA B 283 7.21 -20.09 -19.54
C ALA B 283 7.98 -19.51 -18.36
N ASP B 284 9.31 -19.56 -18.43
CA ASP B 284 10.16 -19.07 -17.36
C ASP B 284 10.53 -17.58 -17.50
N PRO B 285 9.84 -16.73 -16.73
CA PRO B 285 10.03 -15.28 -16.71
C PRO B 285 11.45 -14.89 -16.35
N GLN B 286 12.20 -15.86 -15.87
CA GLN B 286 13.58 -15.63 -15.48
C GLN B 286 14.51 -15.81 -16.67
N ARG B 287 13.97 -16.29 -17.78
CA ARG B 287 14.80 -16.51 -18.95
C ARG B 287 14.22 -16.00 -20.26
N ASN B 288 12.90 -16.09 -20.40
CA ASN B 288 12.22 -15.68 -21.63
C ASN B 288 12.48 -14.26 -22.13
N ASN B 289 12.89 -13.36 -21.26
CA ASN B 289 13.13 -11.99 -21.69
C ASN B 289 14.59 -11.54 -21.50
N ASN B 290 15.51 -12.50 -21.56
CA ASN B 290 16.92 -12.19 -21.37
C ASN B 290 17.76 -12.20 -22.65
N PHE B 291 17.61 -11.17 -23.47
CA PHE B 291 18.34 -11.05 -24.73
C PHE B 291 18.38 -9.57 -25.10
N ASP B 292 19.01 -9.25 -26.24
CA ASP B 292 19.11 -7.85 -26.67
C ASP B 292 19.52 -7.69 -28.14
N TYR B 293 19.47 -8.79 -28.89
CA TYR B 293 19.83 -8.81 -30.33
C TYR B 293 21.30 -8.49 -30.60
N SER B 294 22.13 -8.55 -29.56
CA SER B 294 23.56 -8.27 -29.71
C SER B 294 24.26 -9.37 -30.49
N ASP B 295 23.65 -10.56 -30.55
CA ASP B 295 24.24 -11.67 -31.28
C ASP B 295 23.61 -11.80 -32.67
N THR B 296 22.86 -10.78 -33.05
CA THR B 296 22.20 -10.80 -34.35
C THR B 296 21.94 -9.36 -34.79
N LEU B 297 22.99 -8.54 -34.70
CA LEU B 297 22.91 -7.14 -35.07
C LEU B 297 23.02 -6.90 -36.56
N THR B 298 24.00 -7.55 -37.19
CA THR B 298 24.22 -7.39 -38.63
C THR B 298 23.93 -8.68 -39.38
N ASP B 299 23.13 -9.53 -38.76
CA ASP B 299 22.75 -10.82 -39.32
C ASP B 299 21.29 -11.09 -38.91
N GLU B 300 20.56 -11.83 -39.74
CA GLU B 300 19.17 -12.12 -39.42
C GLU B 300 18.95 -13.58 -39.15
N THR B 301 20.03 -14.29 -38.82
CA THR B 301 19.93 -15.71 -38.54
C THR B 301 19.08 -16.00 -37.31
N ARG B 302 19.40 -15.33 -36.20
CA ARG B 302 18.66 -15.57 -34.97
C ARG B 302 17.30 -14.86 -34.92
N CYS B 303 17.25 -13.64 -35.44
CA CYS B 303 16.01 -12.88 -35.43
C CYS B 303 15.94 -11.89 -36.57
N PRO B 304 14.84 -11.92 -37.35
CA PRO B 304 14.68 -10.99 -38.47
C PRO B 304 14.69 -9.56 -37.97
N PHE B 305 15.23 -8.63 -38.75
CA PHE B 305 15.25 -7.23 -38.34
C PHE B 305 13.85 -6.67 -38.14
N GLY B 306 12.90 -7.10 -38.96
CA GLY B 306 11.55 -6.56 -38.84
C GLY B 306 10.57 -7.29 -37.96
N ALA B 307 11.03 -8.22 -37.14
CA ALA B 307 10.12 -8.96 -36.26
C ALA B 307 9.38 -8.01 -35.31
N HIS B 308 8.11 -8.31 -35.01
CA HIS B 308 7.30 -7.48 -34.13
C HIS B 308 8.00 -6.89 -32.92
N VAL B 309 8.39 -7.74 -31.98
CA VAL B 309 9.02 -7.25 -30.76
C VAL B 309 10.34 -6.56 -31.02
N ARG B 310 10.99 -6.90 -32.12
CA ARG B 310 12.25 -6.22 -32.39
C ARG B 310 12.01 -4.80 -32.89
N LYS B 311 10.87 -4.56 -33.53
CA LYS B 311 10.57 -3.21 -34.02
C LYS B 311 9.97 -2.36 -32.91
N THR B 312 9.13 -2.96 -32.08
CA THR B 312 8.49 -2.24 -30.98
C THR B 312 9.45 -1.95 -29.82
N ASN B 313 10.58 -2.65 -29.81
CA ASN B 313 11.60 -2.49 -28.77
C ASN B 313 12.93 -3.03 -29.32
N PRO B 314 13.65 -2.17 -30.06
CA PRO B 314 14.95 -2.38 -30.72
C PRO B 314 16.06 -2.87 -29.82
N ARG B 315 15.94 -2.56 -28.53
CA ARG B 315 16.96 -2.95 -27.58
C ARG B 315 18.32 -2.48 -28.12
N GLN B 316 19.23 -3.42 -28.35
CA GLN B 316 20.59 -3.08 -28.81
C GLN B 316 20.70 -2.44 -30.20
N ASP B 317 19.62 -2.46 -30.99
CA ASP B 317 19.65 -1.84 -32.32
C ASP B 317 19.72 -0.33 -32.13
N LEU B 318 19.58 0.11 -30.90
CA LEU B 318 19.65 1.54 -30.62
C LEU B 318 21.04 1.88 -30.14
N GLY B 319 21.88 0.84 -30.02
CA GLY B 319 23.24 1.04 -29.57
C GLY B 319 23.36 0.89 -28.07
N GLY B 320 22.23 0.84 -27.39
CA GLY B 320 22.24 0.71 -25.94
C GLY B 320 20.89 1.05 -25.34
N PRO B 321 20.77 1.01 -24.01
CA PRO B 321 19.48 1.32 -23.36
C PRO B 321 19.06 2.75 -23.67
N VAL B 322 17.75 2.95 -23.79
CA VAL B 322 17.20 4.26 -24.06
C VAL B 322 15.87 4.39 -23.32
N ASP B 323 15.79 5.38 -22.43
CA ASP B 323 14.60 5.67 -21.63
C ASP B 323 13.28 5.78 -22.38
N THR B 324 13.14 6.89 -23.11
CA THR B 324 11.96 7.20 -23.90
C THR B 324 11.59 5.99 -24.73
N PHE B 325 10.39 5.99 -25.28
CA PHE B 325 9.93 4.89 -26.14
C PHE B 325 9.37 3.67 -25.42
N HIS B 326 9.75 3.46 -24.18
CA HIS B 326 9.20 2.33 -23.45
C HIS B 326 7.79 2.70 -23.01
N ALA B 327 6.92 1.69 -22.93
CA ALA B 327 5.54 1.92 -22.53
C ALA B 327 4.95 0.68 -21.84
N MET B 328 3.86 0.89 -21.10
CA MET B 328 3.18 -0.20 -20.40
C MET B 328 1.99 -0.69 -21.22
N ARG B 329 1.86 -2.01 -21.34
CA ARG B 329 0.76 -2.61 -22.09
C ARG B 329 -0.14 -3.38 -21.12
N SER B 330 -1.44 -3.30 -21.32
CA SER B 330 -2.38 -3.96 -20.45
C SER B 330 -3.58 -4.32 -21.33
N SER B 331 -3.26 -4.95 -22.45
CA SER B 331 -4.26 -5.37 -23.45
C SER B 331 -4.96 -6.67 -23.09
N ILE B 332 -6.05 -6.99 -23.78
CA ILE B 332 -6.76 -8.24 -23.52
C ILE B 332 -7.49 -8.69 -24.77
N PRO B 333 -7.47 -9.99 -25.06
CA PRO B 333 -8.14 -10.53 -26.24
C PRO B 333 -9.65 -10.45 -26.11
N TYR B 334 -10.36 -10.56 -27.22
CA TYR B 334 -11.81 -10.51 -27.15
C TYR B 334 -12.34 -11.40 -28.24
N GLY B 335 -13.52 -11.97 -28.02
CA GLY B 335 -14.11 -12.82 -29.03
C GLY B 335 -13.85 -14.30 -28.88
N PRO B 336 -14.68 -15.12 -29.55
CA PRO B 336 -14.65 -16.58 -29.57
C PRO B 336 -13.46 -17.13 -30.33
N GLU B 337 -13.25 -18.44 -30.22
CA GLU B 337 -12.18 -19.11 -30.91
C GLU B 337 -12.68 -19.43 -32.33
N THR B 338 -11.77 -19.62 -33.27
CA THR B 338 -12.20 -19.86 -34.65
C THR B 338 -12.99 -21.15 -34.79
N SER B 339 -14.09 -21.07 -35.53
CA SER B 339 -14.98 -22.20 -35.77
C SER B 339 -14.35 -23.16 -36.78
N ASP B 340 -14.98 -24.30 -36.98
CA ASP B 340 -14.47 -25.25 -37.94
C ASP B 340 -14.81 -24.76 -39.34
N ALA B 341 -15.88 -23.96 -39.41
CA ALA B 341 -16.31 -23.41 -40.69
C ALA B 341 -15.29 -22.37 -41.16
N GLU B 342 -14.77 -21.59 -40.22
CA GLU B 342 -13.78 -20.59 -40.58
C GLU B 342 -12.50 -21.28 -41.01
N LEU B 343 -12.11 -22.32 -40.28
CA LEU B 343 -10.90 -23.06 -40.60
C LEU B 343 -11.05 -23.83 -41.91
N ALA B 344 -12.25 -24.30 -42.19
CA ALA B 344 -12.50 -25.04 -43.41
C ALA B 344 -12.39 -24.13 -44.63
N SER B 345 -12.92 -22.91 -44.50
CA SER B 345 -12.90 -21.95 -45.60
C SER B 345 -11.73 -20.99 -45.53
N GLY B 346 -10.98 -21.04 -44.43
CA GLY B 346 -9.84 -20.16 -44.26
C GLY B 346 -10.25 -18.70 -44.23
N VAL B 347 -11.47 -18.44 -43.77
CA VAL B 347 -11.98 -17.09 -43.73
C VAL B 347 -12.59 -16.71 -42.39
N THR B 348 -12.41 -15.44 -42.02
CA THR B 348 -12.95 -14.91 -40.77
C THR B 348 -14.43 -14.59 -40.98
N ALA B 349 -15.26 -15.09 -40.07
CA ALA B 349 -16.70 -14.85 -40.16
C ALA B 349 -17.18 -14.32 -38.82
N GLN B 350 -16.31 -14.43 -37.82
CA GLN B 350 -16.63 -13.94 -36.49
C GLN B 350 -15.63 -12.91 -36.02
N ASP B 351 -16.14 -11.95 -35.26
CA ASP B 351 -15.36 -10.84 -34.74
C ASP B 351 -14.56 -11.16 -33.48
N ARG B 352 -13.24 -11.26 -33.66
CA ARG B 352 -12.33 -11.53 -32.55
C ARG B 352 -11.10 -10.68 -32.81
N GLY B 353 -10.37 -10.33 -31.76
CA GLY B 353 -9.18 -9.53 -31.94
C GLY B 353 -8.47 -9.21 -30.65
N LEU B 354 -8.04 -7.95 -30.50
CA LEU B 354 -7.33 -7.54 -29.31
C LEU B 354 -7.70 -6.12 -28.90
N LEU B 355 -8.07 -5.96 -27.63
CA LEU B 355 -8.39 -4.66 -27.09
C LEU B 355 -7.07 -4.14 -26.50
N PHE B 356 -6.26 -3.54 -27.39
CA PHE B 356 -4.93 -3.02 -27.06
C PHE B 356 -4.93 -1.79 -26.16
N VAL B 357 -4.05 -1.81 -25.16
CA VAL B 357 -3.94 -0.70 -24.21
C VAL B 357 -2.48 -0.45 -23.89
N GLU B 358 -1.99 0.75 -24.18
CA GLU B 358 -0.60 1.08 -23.89
C GLU B 358 -0.55 2.45 -23.21
N TYR B 359 0.22 2.53 -22.12
CA TYR B 359 0.36 3.76 -21.33
C TYR B 359 1.75 4.35 -21.41
N GLN B 360 1.80 5.68 -21.38
CA GLN B 360 3.07 6.41 -21.40
C GLN B 360 2.76 7.86 -21.08
N SER B 361 3.74 8.57 -20.58
CA SER B 361 3.55 9.99 -20.24
C SER B 361 3.49 10.83 -21.50
N ILE B 362 4.11 10.32 -22.57
CA ILE B 362 4.15 11.03 -23.85
C ILE B 362 3.67 10.11 -25.00
N ILE B 363 2.43 10.29 -25.41
CA ILE B 363 1.88 9.47 -26.48
C ILE B 363 2.83 9.34 -27.66
N GLY B 364 3.38 10.46 -28.12
CA GLY B 364 4.29 10.45 -29.24
C GLY B 364 5.57 9.66 -29.05
N ASN B 365 5.99 9.41 -27.81
CA ASN B 365 7.22 8.65 -27.58
C ASN B 365 7.04 7.16 -27.33
N GLY B 366 5.82 6.75 -27.02
CA GLY B 366 5.60 5.34 -26.76
C GLY B 366 4.90 4.67 -27.91
N PHE B 367 3.59 4.49 -27.73
CA PHE B 367 2.76 3.88 -28.75
C PHE B 367 3.05 4.44 -30.15
N ARG B 368 2.82 5.74 -30.33
CA ARG B 368 3.03 6.37 -31.64
C ARG B 368 4.43 6.21 -32.21
N PHE B 369 5.45 6.32 -31.37
CA PHE B 369 6.81 6.19 -31.85
C PHE B 369 7.03 4.77 -32.34
N GLN B 370 6.57 3.80 -31.55
CA GLN B 370 6.73 2.41 -31.92
C GLN B 370 5.98 2.14 -33.22
N GLN B 371 4.81 2.73 -33.38
CA GLN B 371 4.07 2.49 -34.60
C GLN B 371 4.72 3.16 -35.81
N ILE B 372 4.68 4.50 -35.81
CA ILE B 372 5.20 5.31 -36.91
C ILE B 372 6.70 5.24 -37.25
N ASN B 373 7.56 5.52 -36.28
CA ASN B 373 8.99 5.54 -36.53
C ASN B 373 9.73 4.22 -36.55
N TRP B 374 9.09 3.16 -36.08
CA TRP B 374 9.73 1.86 -36.08
C TRP B 374 8.97 0.84 -36.94
N ALA B 375 7.84 0.35 -36.45
CA ALA B 375 7.05 -0.63 -37.19
C ALA B 375 6.77 -0.20 -38.63
N ASN B 376 6.38 1.05 -38.81
CA ASN B 376 6.03 1.59 -40.12
C ASN B 376 7.19 1.99 -40.99
N ASN B 377 8.38 2.09 -40.40
CA ASN B 377 9.57 2.54 -41.11
C ASN B 377 10.42 1.41 -41.69
N ALA B 378 10.38 1.27 -43.02
CA ALA B 378 11.11 0.24 -43.74
C ALA B 378 12.61 0.27 -43.47
N ASN B 379 13.15 1.47 -43.26
CA ASN B 379 14.58 1.59 -43.01
C ASN B 379 14.98 1.50 -41.54
N PHE B 380 14.06 1.12 -40.66
CA PHE B 380 14.42 0.97 -39.27
C PHE B 380 14.34 -0.52 -38.86
N PRO B 381 15.32 -1.05 -38.12
CA PRO B 381 16.55 -0.46 -37.57
C PRO B 381 17.48 -0.02 -38.69
N PHE B 382 18.23 1.05 -38.45
CA PHE B 382 19.15 1.56 -39.45
C PHE B 382 20.49 0.85 -39.52
N SER B 383 21.26 1.20 -40.56
CA SER B 383 22.58 0.64 -40.78
C SER B 383 22.65 -0.88 -40.91
N LYS B 384 21.55 -1.49 -41.32
CA LYS B 384 21.55 -2.94 -41.50
C LYS B 384 21.98 -3.35 -42.91
N PRO B 385 22.61 -4.52 -43.05
CA PRO B 385 23.04 -4.96 -44.38
C PRO B 385 21.84 -5.26 -45.28
N ILE B 386 20.72 -5.66 -44.69
CA ILE B 386 19.50 -5.96 -45.43
C ILE B 386 18.35 -5.08 -44.92
N THR B 387 17.59 -4.50 -45.83
CA THR B 387 16.49 -3.63 -45.43
C THR B 387 15.50 -4.40 -44.56
N PRO B 388 15.21 -3.86 -43.36
CA PRO B 388 14.28 -4.52 -42.45
C PRO B 388 12.87 -4.63 -43.03
N GLY B 389 12.32 -3.52 -43.48
CA GLY B 389 10.99 -3.55 -44.06
C GLY B 389 9.88 -3.17 -43.09
N ILE B 390 8.65 -3.53 -43.44
CA ILE B 390 7.51 -3.22 -42.60
C ILE B 390 7.24 -4.38 -41.63
N GLU B 391 6.98 -4.05 -40.37
CA GLU B 391 6.70 -5.05 -39.36
C GLU B 391 5.44 -5.78 -39.75
N PRO B 392 5.56 -7.09 -40.05
CA PRO B 392 4.45 -7.95 -40.47
C PRO B 392 3.17 -8.01 -39.63
N ILE B 393 3.29 -7.90 -38.30
CA ILE B 393 2.09 -7.96 -37.48
C ILE B 393 1.25 -6.68 -37.46
N ILE B 394 1.83 -5.54 -37.05
CA ILE B 394 1.04 -4.30 -37.05
C ILE B 394 1.60 -3.17 -37.90
N GLY B 395 2.57 -3.49 -38.77
CA GLY B 395 3.13 -2.47 -39.64
C GLY B 395 2.06 -1.99 -40.61
N GLN B 396 1.96 -0.68 -40.78
CA GLN B 396 0.97 -0.13 -41.68
C GLN B 396 1.54 0.83 -42.70
N THR B 397 2.35 0.31 -43.61
CA THR B 397 2.94 1.11 -44.69
C THR B 397 2.91 0.20 -45.91
N THR B 398 2.38 0.69 -47.03
CA THR B 398 2.32 -0.13 -48.22
C THR B 398 3.44 0.22 -49.17
N PRO B 399 4.04 -0.78 -49.82
CA PRO B 399 3.69 -2.21 -49.68
C PRO B 399 4.21 -2.79 -48.36
N ARG B 400 3.43 -3.67 -47.74
CA ARG B 400 3.83 -4.29 -46.48
C ARG B 400 4.86 -5.37 -46.69
N THR B 401 6.07 -4.95 -47.07
CA THR B 401 7.14 -5.89 -47.34
C THR B 401 8.21 -5.93 -46.25
N VAL B 402 8.50 -7.13 -45.78
CA VAL B 402 9.51 -7.35 -44.76
C VAL B 402 10.52 -8.33 -45.34
N GLY B 403 11.76 -8.28 -44.87
CA GLY B 403 12.76 -9.18 -45.38
C GLY B 403 13.41 -9.99 -44.28
N GLY B 404 14.16 -11.02 -44.66
CA GLY B 404 14.85 -11.85 -43.68
C GLY B 404 14.01 -12.81 -42.85
N LEU B 405 12.79 -13.10 -43.27
CA LEU B 405 11.98 -14.03 -42.50
C LEU B 405 12.63 -15.40 -42.54
N ASP B 406 13.10 -15.80 -43.73
CA ASP B 406 13.75 -17.08 -43.94
C ASP B 406 15.23 -16.95 -43.56
N PRO B 407 15.64 -17.55 -42.42
CA PRO B 407 17.04 -17.45 -41.98
C PRO B 407 18.05 -17.92 -43.02
N LEU B 408 17.67 -18.90 -43.84
CA LEU B 408 18.58 -19.41 -44.85
C LEU B 408 18.45 -18.66 -46.18
N ASN B 409 17.72 -17.54 -46.16
CA ASN B 409 17.50 -16.72 -47.35
C ASN B 409 17.15 -15.30 -46.92
N GLN B 410 17.93 -14.76 -45.99
CA GLN B 410 17.68 -13.42 -45.45
C GLN B 410 17.36 -12.36 -46.49
N ASN B 411 17.95 -12.49 -47.67
CA ASN B 411 17.70 -11.51 -48.72
C ASN B 411 16.26 -11.55 -49.22
N GLU B 412 15.67 -12.74 -49.19
CA GLU B 412 14.29 -12.93 -49.65
C GLU B 412 13.29 -12.06 -48.89
N THR B 413 12.30 -11.53 -49.59
CA THR B 413 11.30 -10.68 -48.96
C THR B 413 9.90 -11.25 -49.05
N PHE B 414 9.00 -10.70 -48.24
CA PHE B 414 7.62 -11.13 -48.20
C PHE B 414 6.73 -9.90 -48.11
N THR B 415 5.64 -9.90 -48.87
CA THR B 415 4.69 -8.81 -48.80
C THR B 415 3.54 -9.46 -48.06
N VAL B 416 3.42 -9.12 -46.79
CA VAL B 416 2.39 -9.73 -45.97
C VAL B 416 1.06 -8.98 -46.00
N PRO B 417 -0.05 -9.73 -46.02
CA PRO B 417 -1.37 -9.09 -46.02
C PRO B 417 -1.57 -8.64 -44.58
N LEU B 418 -2.32 -7.56 -44.39
CA LEU B 418 -2.55 -7.05 -43.04
C LEU B 418 -3.61 -7.90 -42.35
N PHE B 419 -3.25 -8.51 -41.22
CA PHE B 419 -4.20 -9.36 -40.51
C PHE B 419 -4.76 -8.69 -39.25
N VAL B 420 -4.19 -7.55 -38.88
CA VAL B 420 -4.67 -6.82 -37.72
C VAL B 420 -5.35 -5.58 -38.29
N ILE B 421 -6.65 -5.45 -38.05
CA ILE B 421 -7.41 -4.33 -38.60
C ILE B 421 -7.91 -3.38 -37.52
N PRO B 422 -7.47 -2.12 -37.56
CA PRO B 422 -7.93 -1.14 -36.56
C PRO B 422 -9.40 -0.82 -36.82
N LYS B 423 -10.18 -0.77 -35.77
CA LYS B 423 -11.60 -0.50 -35.90
C LYS B 423 -11.99 0.76 -35.16
N GLY B 424 -11.00 1.38 -34.55
CA GLY B 424 -11.26 2.59 -33.80
C GLY B 424 -10.31 2.63 -32.64
N GLY B 425 -10.17 3.78 -32.00
CA GLY B 425 -9.27 3.90 -30.88
C GLY B 425 -9.39 5.29 -30.33
N GLU B 426 -8.60 5.61 -29.32
CA GLU B 426 -8.67 6.92 -28.74
C GLU B 426 -7.54 7.14 -27.74
N TYR B 427 -7.25 8.41 -27.48
CA TYR B 427 -6.21 8.77 -26.52
C TYR B 427 -6.93 9.29 -25.28
N PHE B 428 -6.57 8.76 -24.13
CA PHE B 428 -7.20 9.16 -22.88
C PHE B 428 -6.15 9.54 -21.87
N PHE B 429 -6.57 10.29 -20.87
CA PHE B 429 -5.68 10.66 -19.79
C PHE B 429 -6.36 10.13 -18.53
N LEU B 430 -5.62 9.35 -17.74
CA LEU B 430 -6.14 8.82 -16.48
C LEU B 430 -5.49 9.65 -15.38
N PRO B 431 -6.24 10.58 -14.79
CA PRO B 431 -5.64 11.39 -13.72
C PRO B 431 -5.29 10.54 -12.51
N SER B 432 -4.59 11.14 -11.54
CA SER B 432 -4.25 10.43 -10.31
C SER B 432 -5.58 10.29 -9.58
N ILE B 433 -5.66 9.36 -8.62
CA ILE B 433 -6.92 9.19 -7.91
C ILE B 433 -7.35 10.43 -7.14
N SER B 434 -6.40 11.15 -6.56
CA SER B 434 -6.75 12.36 -5.84
C SER B 434 -7.19 13.40 -6.88
N ALA B 435 -6.47 13.45 -8.00
CA ALA B 435 -6.80 14.40 -9.06
C ALA B 435 -8.26 14.24 -9.47
N LEU B 436 -8.75 13.01 -9.44
CA LEU B 436 -10.13 12.73 -9.84
C LEU B 436 -11.19 13.52 -9.07
N THR B 437 -11.06 13.62 -7.75
CA THR B 437 -12.06 14.34 -6.96
C THR B 437 -11.68 15.78 -6.71
N ALA B 438 -10.39 16.02 -6.54
CA ALA B 438 -9.89 17.37 -6.27
C ALA B 438 -9.87 18.31 -7.48
N THR B 439 -9.62 17.77 -8.68
CA THR B 439 -9.56 18.62 -9.86
C THR B 439 -10.76 18.45 -10.77
N ILE B 440 -10.91 17.25 -11.31
CA ILE B 440 -12.01 16.95 -12.21
C ILE B 440 -13.39 17.12 -11.59
N ALA B 441 -13.64 16.37 -10.51
CA ALA B 441 -14.93 16.43 -9.81
C ALA B 441 -15.20 17.78 -9.15
N ALA B 442 -14.13 18.47 -8.78
CA ALA B 442 -14.22 19.77 -8.13
C ALA B 442 -15.15 20.75 -8.87
#